data_1VSG
#
_entry.id   1VSG
#
_cell.length_a   95.500
_cell.length_b   97.500
_cell.length_c   123.700
_cell.angle_alpha   90.00
_cell.angle_beta   90.00
_cell.angle_gamma   90.00
#
_symmetry.space_group_name_H-M   'P 21 21 21'
#
loop_
_entity.id
_entity.type
_entity.pdbx_description
1 polymer 'VARIANT SURFACE GLYCOPROTEIN MITAT 1.2'
2 branched beta-D-mannopyranose-(1-4)-2-acetamido-2-deoxy-beta-D-glucopyranose-(1-4)-2-acetamido-2-deoxy-beta-D-glucopyranose
3 branched alpha-D-mannopyranose-(1-4)-2-acetamido-2-deoxy-beta-D-glucopyranose-(1-4)-2-acetamido-2-deoxy-beta-D-glucopyranose
4 water water
#
_entity_poly.entity_id   1
_entity_poly.type   'polypeptide(L)'
_entity_poly.pdbx_seq_one_letter_code
;AAEKGFKQAFWQPLCQVSEELDDQPKGALFTLQAAASKIQKMRDAALRASIYAEINHGTNRAKAAVIVANHYAMKADSGL
EALKQTLSSQEVTATATASYLKGRIDEYLNLLLQTKESGTSGCMMDTSGTNTVTKAGGTIGGVPCKLQLSPIQPKRPAAT
YLGKAGYVGLTRQADAANNFHDNDAECRLASGHNTNGLGKSGQLSAAVTMAAGYVTVANSQTAVTVQALDALQEASGAAH
QPWIDAWKAKKALTGAETAEFRNETAGIAGKTGVTKLVEEALLKKKDSEASEIQTELKKYFSGHENEQWTAIEKLISEQP
VAQNLVGDNQPTKLGELEGNAKLTTILAYYRMETAGKFEVLTQK
;
_entity_poly.pdbx_strand_id   A,B
#
loop_
_chem_comp.id
_chem_comp.type
_chem_comp.name
_chem_comp.formula
BMA D-saccharide, beta linking beta-D-mannopyranose 'C6 H12 O6'
MAN D-saccharide, alpha linking alpha-D-mannopyranose 'C6 H12 O6'
NAG D-saccharide, beta linking 2-acetamido-2-deoxy-beta-D-glucopyranose 'C8 H15 N O6'
#
# COMPACT_ATOMS: atom_id res chain seq x y z
N ALA A 1 40.55 -17.53 -8.52
CA ALA A 1 41.20 -18.06 -7.31
C ALA A 1 40.37 -17.67 -6.09
N ALA A 2 40.69 -18.32 -5.01
CA ALA A 2 40.00 -18.12 -3.74
C ALA A 2 40.50 -16.85 -3.04
N GLU A 3 39.64 -16.39 -2.15
CA GLU A 3 39.84 -15.20 -1.30
C GLU A 3 40.21 -14.00 -2.13
N LYS A 4 39.50 -13.91 -3.21
CA LYS A 4 39.71 -12.86 -4.17
C LYS A 4 38.40 -12.13 -4.46
N GLY A 5 38.65 -10.93 -4.92
CA GLY A 5 37.63 -9.98 -5.31
C GLY A 5 36.75 -10.58 -6.40
N PHE A 6 35.56 -10.14 -6.33
CA PHE A 6 34.47 -10.69 -7.13
C PHE A 6 34.34 -10.14 -8.55
N LYS A 7 34.22 -11.03 -9.51
CA LYS A 7 34.15 -10.67 -10.90
C LYS A 7 32.70 -10.43 -11.27
N GLN A 8 32.45 -9.58 -12.28
CA GLN A 8 31.10 -9.21 -12.70
C GLN A 8 30.05 -10.31 -12.81
N ALA A 9 30.46 -11.57 -12.96
CA ALA A 9 29.57 -12.71 -13.07
C ALA A 9 28.81 -12.94 -11.80
N PHE A 10 29.47 -12.60 -10.70
CA PHE A 10 28.88 -12.71 -9.39
C PHE A 10 27.93 -11.55 -9.12
N TRP A 11 28.38 -10.33 -9.37
CA TRP A 11 27.58 -9.25 -8.89
C TRP A 11 26.55 -8.71 -9.86
N GLN A 12 26.76 -8.80 -11.19
CA GLN A 12 25.74 -8.35 -12.15
C GLN A 12 24.40 -9.02 -11.90
N PRO A 13 24.28 -10.30 -11.49
CA PRO A 13 23.00 -10.89 -11.21
C PRO A 13 22.32 -10.16 -10.06
N LEU A 14 23.05 -9.80 -8.98
CA LEU A 14 22.42 -9.19 -7.84
C LEU A 14 21.96 -7.79 -8.21
N CYS A 15 22.73 -7.08 -9.03
CA CYS A 15 22.34 -5.75 -9.52
C CYS A 15 20.99 -5.79 -10.23
N GLN A 16 20.78 -6.80 -11.04
CA GLN A 16 19.58 -6.99 -11.83
C GLN A 16 18.36 -7.18 -10.96
N VAL A 17 18.50 -7.99 -9.90
CA VAL A 17 17.43 -8.22 -8.95
C VAL A 17 17.20 -6.95 -8.16
N SER A 18 18.21 -6.28 -7.59
CA SER A 18 18.04 -5.02 -6.90
C SER A 18 17.20 -4.04 -7.74
N GLU A 19 17.58 -3.82 -8.98
CA GLU A 19 16.87 -2.91 -9.84
C GLU A 19 15.46 -3.35 -10.21
N GLU A 20 15.19 -4.65 -10.23
CA GLU A 20 13.85 -5.08 -10.52
C GLU A 20 12.94 -4.83 -9.31
N LEU A 21 13.48 -5.17 -8.15
CA LEU A 21 12.79 -5.00 -6.86
C LEU A 21 12.57 -3.51 -6.57
N ASP A 22 13.08 -2.66 -7.43
CA ASP A 22 12.91 -1.20 -7.27
C ASP A 22 11.55 -0.80 -7.82
N ASP A 23 11.02 -1.64 -8.69
CA ASP A 23 9.75 -1.38 -9.33
C ASP A 23 8.59 -1.98 -8.60
N GLN A 24 8.84 -2.72 -7.52
CA GLN A 24 7.75 -3.37 -6.80
C GLN A 24 6.85 -2.38 -6.10
N PRO A 25 7.34 -1.27 -5.51
CA PRO A 25 6.50 -0.27 -4.88
C PRO A 25 5.67 0.43 -5.97
N LYS A 26 6.33 0.78 -7.10
CA LYS A 26 5.70 1.43 -8.23
C LYS A 26 4.50 0.64 -8.73
N GLY A 27 4.63 -0.66 -8.72
CA GLY A 27 3.58 -1.55 -9.10
C GLY A 27 2.47 -1.53 -8.08
N ALA A 28 2.85 -1.62 -6.78
CA ALA A 28 1.89 -1.58 -5.68
C ALA A 28 1.05 -0.32 -5.79
N LEU A 29 1.68 0.83 -5.99
CA LEU A 29 1.02 2.09 -6.26
C LEU A 29 0.01 1.96 -7.41
N PHE A 30 0.52 1.54 -8.58
CA PHE A 30 -0.27 1.33 -9.79
C PHE A 30 -1.55 0.52 -9.53
N THR A 31 -1.41 -0.61 -8.87
CA THR A 31 -2.55 -1.43 -8.53
C THR A 31 -3.52 -0.80 -7.56
N LEU A 32 -3.06 -0.23 -6.44
CA LEU A 32 -3.96 0.36 -5.47
C LEU A 32 -4.77 1.48 -6.13
N GLN A 33 -4.13 2.25 -7.01
CA GLN A 33 -4.83 3.30 -7.71
C GLN A 33 -5.79 2.77 -8.77
N ALA A 34 -5.38 1.72 -9.47
CA ALA A 34 -6.18 1.05 -10.48
C ALA A 34 -7.45 0.48 -9.88
N ALA A 35 -7.38 -0.09 -8.67
CA ALA A 35 -8.55 -0.56 -7.95
C ALA A 35 -9.53 0.58 -7.66
N ALA A 36 -9.09 1.76 -7.17
CA ALA A 36 -10.02 2.84 -6.90
C ALA A 36 -10.64 3.36 -8.19
N SER A 37 -9.84 3.58 -9.24
CA SER A 37 -10.32 4.05 -10.53
C SER A 37 -11.35 3.15 -11.15
N LYS A 38 -11.20 1.86 -10.95
CA LYS A 38 -12.15 0.91 -11.43
C LYS A 38 -13.43 0.90 -10.58
N ILE A 39 -13.31 0.93 -9.23
CA ILE A 39 -14.47 1.09 -8.32
C ILE A 39 -15.26 2.35 -8.69
N GLN A 40 -14.56 3.46 -8.95
CA GLN A 40 -15.09 4.68 -9.43
C GLN A 40 -15.86 4.49 -10.72
N LYS A 41 -15.33 3.76 -11.70
CA LYS A 41 -16.02 3.56 -12.97
C LYS A 41 -17.32 2.75 -12.88
N MET A 42 -17.34 1.76 -11.99
CA MET A 42 -18.53 0.97 -11.74
C MET A 42 -19.59 1.85 -11.07
N ARG A 43 -19.17 2.66 -10.08
CA ARG A 43 -20.02 3.60 -9.38
C ARG A 43 -20.65 4.56 -10.35
N ASP A 44 -19.85 5.16 -11.21
CA ASP A 44 -20.34 6.03 -12.26
C ASP A 44 -21.41 5.42 -13.12
N ALA A 45 -21.24 4.14 -13.47
CA ALA A 45 -22.23 3.43 -14.24
C ALA A 45 -23.53 3.27 -13.41
N ALA A 46 -23.45 2.91 -12.13
CA ALA A 46 -24.65 2.80 -11.29
C ALA A 46 -25.28 4.16 -11.09
N LEU A 47 -24.52 5.24 -10.97
CA LEU A 47 -25.11 6.56 -10.84
C LEU A 47 -25.85 6.96 -12.11
N ARG A 48 -25.26 6.66 -13.27
CA ARG A 48 -25.90 6.97 -14.53
C ARG A 48 -27.18 6.18 -14.68
N ALA A 49 -27.20 4.89 -14.32
CA ALA A 49 -28.42 4.11 -14.42
C ALA A 49 -29.52 4.56 -13.47
N SER A 50 -29.17 4.92 -12.24
CA SER A 50 -30.11 5.39 -11.23
C SER A 50 -30.84 6.65 -11.62
N ILE A 51 -30.09 7.63 -12.12
CA ILE A 51 -30.57 8.92 -12.62
C ILE A 51 -31.54 8.67 -13.77
N TYR A 52 -31.23 7.80 -14.75
CA TYR A 52 -32.19 7.41 -15.77
C TYR A 52 -33.46 6.83 -15.12
N ALA A 53 -33.37 5.85 -14.21
CA ALA A 53 -34.53 5.37 -13.49
C ALA A 53 -35.28 6.50 -12.81
N GLU A 54 -34.62 7.57 -12.32
CA GLU A 54 -35.27 8.75 -11.71
C GLU A 54 -35.91 9.59 -12.77
N ILE A 55 -35.13 10.14 -13.70
CA ILE A 55 -35.67 10.88 -14.82
C ILE A 55 -36.84 10.16 -15.54
N ASN A 56 -36.93 8.84 -15.50
CA ASN A 56 -37.97 8.18 -16.26
C ASN A 56 -38.77 7.35 -15.29
N HIS A 57 -38.92 7.69 -14.00
CA HIS A 57 -39.56 6.77 -13.07
C HIS A 57 -40.96 6.25 -13.40
N GLY A 58 -41.13 4.96 -13.16
CA GLY A 58 -42.42 4.36 -13.39
C GLY A 58 -42.48 3.55 -14.68
N THR A 59 -41.55 3.71 -15.62
CA THR A 59 -41.53 2.89 -16.81
C THR A 59 -40.86 1.49 -16.67
N ASN A 60 -40.94 0.64 -17.70
CA ASN A 60 -40.13 -0.59 -17.68
C ASN A 60 -38.63 -0.31 -17.96
N ARG A 61 -38.31 0.77 -18.73
CA ARG A 61 -36.97 1.25 -18.99
C ARG A 61 -36.36 1.74 -17.68
N ALA A 62 -37.14 2.38 -16.78
CA ALA A 62 -36.67 2.71 -15.45
C ALA A 62 -36.49 1.41 -14.65
N LYS A 63 -37.42 0.44 -14.72
CA LYS A 63 -37.23 -0.82 -14.04
C LYS A 63 -35.97 -1.55 -14.49
N ALA A 64 -35.62 -1.52 -15.79
CA ALA A 64 -34.42 -2.14 -16.33
C ALA A 64 -33.20 -1.40 -15.81
N ALA A 65 -33.22 -0.06 -15.91
CA ALA A 65 -32.15 0.80 -15.43
C ALA A 65 -31.91 0.62 -13.93
N VAL A 66 -32.92 0.32 -13.11
CA VAL A 66 -32.69 -0.05 -11.72
C VAL A 66 -31.90 -1.34 -11.67
N ILE A 67 -32.22 -2.38 -12.47
CA ILE A 67 -31.43 -3.61 -12.40
C ILE A 67 -29.98 -3.36 -12.84
N VAL A 68 -29.78 -2.54 -13.86
CA VAL A 68 -28.44 -2.16 -14.28
C VAL A 68 -27.71 -1.46 -13.14
N ALA A 69 -28.33 -0.41 -12.60
CA ALA A 69 -27.83 0.37 -11.47
C ALA A 69 -27.50 -0.46 -10.23
N ASN A 70 -28.28 -1.49 -9.88
CA ASN A 70 -27.97 -2.28 -8.71
C ASN A 70 -26.74 -3.17 -8.99
N HIS A 71 -26.55 -3.64 -10.21
CA HIS A 71 -25.43 -4.48 -10.56
C HIS A 71 -24.16 -3.65 -10.39
N TYR A 72 -24.11 -2.44 -10.95
CA TYR A 72 -22.93 -1.59 -10.86
C TYR A 72 -22.66 -1.05 -9.46
N ALA A 73 -23.68 -0.82 -8.67
CA ALA A 73 -23.49 -0.52 -7.28
C ALA A 73 -22.83 -1.68 -6.59
N MET A 74 -23.31 -2.90 -6.81
CA MET A 74 -22.72 -4.12 -6.26
C MET A 74 -21.27 -4.36 -6.71
N LYS A 75 -20.93 -3.96 -7.94
CA LYS A 75 -19.58 -4.10 -8.42
C LYS A 75 -18.73 -3.14 -7.66
N ALA A 76 -19.03 -1.85 -7.80
CA ALA A 76 -18.35 -0.79 -7.08
C ALA A 76 -18.20 -1.13 -5.58
N ASP A 77 -19.19 -1.79 -5.00
CA ASP A 77 -19.15 -2.17 -3.62
C ASP A 77 -18.20 -3.31 -3.33
N SER A 78 -18.20 -4.38 -4.14
CA SER A 78 -17.33 -5.53 -3.89
C SER A 78 -15.90 -5.22 -4.25
N GLY A 79 -15.70 -4.22 -5.09
CA GLY A 79 -14.40 -3.74 -5.48
C GLY A 79 -13.79 -3.14 -4.24
N LEU A 80 -14.52 -2.34 -3.46
CA LEU A 80 -13.94 -1.68 -2.29
C LEU A 80 -13.70 -2.70 -1.19
N GLU A 81 -14.51 -3.73 -1.17
CA GLU A 81 -14.33 -4.77 -0.19
C GLU A 81 -13.14 -5.67 -0.57
N ALA A 82 -12.86 -5.85 -1.87
CA ALA A 82 -11.71 -6.60 -2.35
C ALA A 82 -10.44 -5.82 -2.09
N LEU A 83 -10.49 -4.51 -2.33
CA LEU A 83 -9.41 -3.59 -2.02
C LEU A 83 -9.02 -3.72 -0.56
N LYS A 84 -10.04 -3.73 0.32
CA LYS A 84 -9.77 -3.80 1.75
C LYS A 84 -9.22 -5.15 2.16
N GLN A 85 -10.04 -6.13 1.85
CA GLN A 85 -9.76 -7.46 2.26
C GLN A 85 -8.54 -8.11 1.61
N THR A 86 -8.27 -7.92 0.32
CA THR A 86 -7.22 -8.68 -0.31
C THR A 86 -6.09 -7.83 -0.87
N LEU A 87 -6.46 -6.81 -1.66
CA LEU A 87 -5.48 -6.06 -2.40
C LEU A 87 -4.54 -5.23 -1.54
N SER A 88 -5.02 -4.48 -0.57
CA SER A 88 -4.18 -3.73 0.38
C SER A 88 -3.02 -4.54 1.00
N SER A 89 -3.28 -5.62 1.75
CA SER A 89 -2.19 -6.48 2.29
C SER A 89 -1.24 -6.99 1.21
N GLN A 90 -1.79 -7.46 0.08
CA GLN A 90 -1.02 -7.96 -1.01
C GLN A 90 0.01 -6.94 -1.48
N GLU A 91 -0.42 -5.73 -1.82
CA GLU A 91 0.51 -4.74 -2.32
C GLU A 91 1.44 -4.22 -1.22
N VAL A 92 0.97 -4.14 0.04
CA VAL A 92 1.85 -3.72 1.14
C VAL A 92 2.93 -4.79 1.37
N THR A 93 2.51 -6.02 1.46
CA THR A 93 3.38 -7.13 1.60
C THR A 93 4.38 -7.19 0.44
N ALA A 94 3.95 -7.00 -0.81
CA ALA A 94 4.89 -7.04 -1.91
C ALA A 94 5.87 -5.90 -1.76
N THR A 95 5.43 -4.65 -1.65
CA THR A 95 6.29 -3.51 -1.44
C THR A 95 7.31 -3.68 -0.31
N ALA A 96 6.90 -4.13 0.84
CA ALA A 96 7.81 -4.33 1.96
C ALA A 96 8.81 -5.46 1.74
N THR A 97 8.38 -6.64 1.30
CA THR A 97 9.31 -7.73 1.13
C THR A 97 10.39 -7.40 0.11
N ALA A 98 9.96 -6.90 -1.03
CA ALA A 98 10.86 -6.51 -2.07
C ALA A 98 11.79 -5.42 -1.64
N SER A 99 11.29 -4.36 -0.99
CA SER A 99 12.15 -3.25 -0.52
C SER A 99 13.20 -3.64 0.55
N TYR A 100 12.78 -4.52 1.46
CA TYR A 100 13.66 -5.00 2.51
C TYR A 100 14.79 -5.80 1.90
N LEU A 101 14.45 -6.72 0.97
CA LEU A 101 15.47 -7.48 0.25
C LEU A 101 16.34 -6.60 -0.64
N LYS A 102 15.76 -5.60 -1.31
CA LYS A 102 16.55 -4.69 -2.13
C LYS A 102 17.55 -4.00 -1.20
N GLY A 103 17.16 -3.62 0.04
CA GLY A 103 18.04 -3.01 1.03
C GLY A 103 19.21 -3.92 1.36
N ARG A 104 18.91 -5.18 1.72
CA ARG A 104 19.92 -6.20 1.96
C ARG A 104 20.95 -6.38 0.83
N ILE A 105 20.49 -6.62 -0.41
CA ILE A 105 21.37 -6.67 -1.57
C ILE A 105 22.22 -5.40 -1.67
N ASP A 106 21.61 -4.22 -1.63
CA ASP A 106 22.28 -2.96 -1.89
C ASP A 106 23.35 -2.61 -0.91
N GLU A 107 23.15 -3.01 0.34
CA GLU A 107 24.15 -2.80 1.35
C GLU A 107 25.34 -3.67 1.05
N TYR A 108 25.15 -4.97 0.78
CA TYR A 108 26.26 -5.83 0.39
C TYR A 108 26.96 -5.30 -0.87
N LEU A 109 26.20 -4.98 -1.91
CA LEU A 109 26.84 -4.57 -3.13
C LEU A 109 27.60 -3.28 -2.98
N ASN A 110 27.14 -2.39 -2.11
CA ASN A 110 27.84 -1.14 -1.91
C ASN A 110 29.00 -1.36 -0.99
N LEU A 111 29.04 -2.45 -0.22
CA LEU A 111 30.24 -2.72 0.57
C LEU A 111 31.36 -3.09 -0.39
N LEU A 112 31.06 -4.03 -1.26
CA LEU A 112 31.97 -4.56 -2.27
C LEU A 112 32.47 -3.45 -3.15
N LEU A 113 31.53 -2.62 -3.63
CA LEU A 113 31.87 -1.49 -4.44
C LEU A 113 32.86 -0.60 -3.69
N GLN A 114 32.78 -0.49 -2.38
CA GLN A 114 33.67 0.38 -1.68
C GLN A 114 34.98 -0.24 -1.19
N THR A 115 35.03 -1.54 -0.92
CA THR A 115 36.27 -2.14 -0.45
C THR A 115 37.21 -2.38 -1.65
N LYS A 116 37.91 -1.33 -2.05
CA LYS A 116 38.92 -1.46 -3.04
C LYS A 116 40.16 -0.75 -2.57
N GLU A 117 41.29 -1.22 -3.14
CA GLU A 117 42.59 -0.71 -2.82
C GLU A 117 43.12 0.08 -3.99
N SER A 118 43.10 -0.53 -5.16
CA SER A 118 43.61 0.10 -6.35
C SER A 118 42.53 -0.04 -7.40
N GLY A 119 42.77 0.57 -8.56
CA GLY A 119 41.88 0.39 -9.71
C GLY A 119 42.01 -1.00 -10.36
N THR A 120 42.63 -1.97 -9.71
CA THR A 120 42.85 -3.29 -10.23
C THR A 120 42.79 -4.33 -9.12
N SER A 121 42.79 -3.89 -7.86
CA SER A 121 42.65 -4.81 -6.77
C SER A 121 41.53 -4.25 -5.96
N GLY A 122 40.53 -5.09 -5.76
CA GLY A 122 39.38 -4.76 -4.95
C GLY A 122 38.40 -5.89 -4.83
N CYS A 123 37.23 -5.58 -4.27
CA CYS A 123 36.17 -6.58 -4.13
C CYS A 123 35.22 -6.64 -5.32
N MET A 124 35.05 -5.56 -6.08
CA MET A 124 34.18 -5.60 -7.24
C MET A 124 34.97 -5.42 -8.52
N MET A 125 35.02 -6.47 -9.32
CA MET A 125 35.81 -6.49 -10.54
C MET A 125 34.93 -6.53 -11.77
N ASP A 126 35.48 -6.14 -12.91
CA ASP A 126 34.79 -6.23 -14.19
C ASP A 126 34.68 -7.65 -14.67
N THR A 127 34.14 -7.94 -15.84
CA THR A 127 34.01 -9.32 -16.29
C THR A 127 35.37 -9.98 -16.41
N SER A 128 36.29 -9.31 -17.09
CA SER A 128 37.68 -9.71 -17.22
C SER A 128 38.37 -9.88 -15.87
N GLY A 129 37.86 -9.33 -14.78
CA GLY A 129 38.55 -9.37 -13.52
C GLY A 129 39.88 -8.62 -13.61
N THR A 130 39.98 -7.61 -14.48
CA THR A 130 41.18 -6.81 -14.51
C THR A 130 41.09 -5.52 -13.70
N ASN A 131 39.94 -4.87 -13.64
CA ASN A 131 39.85 -3.61 -12.92
C ASN A 131 38.73 -3.62 -11.94
N THR A 132 38.81 -2.71 -10.98
CA THR A 132 37.72 -2.51 -10.09
C THR A 132 36.71 -1.62 -10.81
N VAL A 133 35.42 -1.92 -10.70
CA VAL A 133 34.36 -1.15 -11.36
C VAL A 133 33.98 0.11 -10.58
N THR A 134 33.21 1.01 -11.18
CA THR A 134 32.76 2.19 -10.47
C THR A 134 31.38 2.71 -10.89
N LYS A 135 30.77 3.34 -9.90
CA LYS A 135 29.43 3.82 -9.97
C LYS A 135 29.38 5.14 -10.70
N ALA A 136 28.85 5.18 -11.92
CA ALA A 136 28.62 6.42 -12.62
C ALA A 136 27.14 6.37 -12.91
N GLY A 137 26.46 7.46 -12.55
CA GLY A 137 25.04 7.57 -12.82
C GLY A 137 24.34 6.52 -11.96
N GLY A 138 23.36 5.82 -12.53
CA GLY A 138 22.77 4.74 -11.75
C GLY A 138 23.33 3.39 -12.19
N THR A 139 24.61 3.36 -12.61
CA THR A 139 25.23 2.15 -13.15
C THR A 139 26.57 1.97 -12.47
N ILE A 140 26.93 0.74 -12.14
CA ILE A 140 28.28 0.45 -11.68
C ILE A 140 29.02 -0.19 -12.86
N GLY A 141 29.61 0.71 -13.63
CA GLY A 141 30.35 0.33 -14.81
C GLY A 141 29.48 -0.35 -15.87
N GLY A 142 28.55 0.39 -16.45
CA GLY A 142 27.78 -0.12 -17.56
C GLY A 142 26.53 -0.85 -17.15
N VAL A 143 26.72 -1.80 -16.22
CA VAL A 143 25.59 -2.56 -15.77
C VAL A 143 24.82 -1.63 -14.84
N PRO A 144 23.50 -1.50 -15.08
CA PRO A 144 22.55 -0.71 -14.32
C PRO A 144 22.43 -1.19 -12.86
N CYS A 145 22.80 -0.32 -11.92
CA CYS A 145 22.83 -0.68 -10.53
C CYS A 145 22.86 0.63 -9.76
N LYS A 146 21.69 1.21 -9.44
CA LYS A 146 21.63 2.51 -8.76
C LYS A 146 21.96 2.40 -7.29
N LEU A 147 21.83 1.20 -6.72
CA LEU A 147 22.01 0.90 -5.32
C LEU A 147 21.25 1.80 -4.37
N GLN A 148 20.10 2.23 -4.89
CA GLN A 148 19.13 2.98 -4.13
C GLN A 148 17.81 2.95 -4.84
N LEU A 149 16.82 3.01 -3.95
CA LEU A 149 15.39 3.02 -4.26
C LEU A 149 14.89 4.23 -5.05
N SER A 150 14.36 4.04 -6.24
CA SER A 150 13.82 5.16 -6.94
C SER A 150 12.46 5.62 -6.40
N PRO A 151 12.21 6.93 -6.55
CA PRO A 151 10.98 7.62 -6.22
C PRO A 151 9.82 6.93 -6.86
N ILE A 152 8.82 6.70 -6.02
CA ILE A 152 7.69 5.87 -6.39
C ILE A 152 6.66 6.68 -7.13
N GLN A 153 6.53 6.29 -8.37
CA GLN A 153 5.48 6.77 -9.21
C GLN A 153 4.89 5.50 -9.81
N PRO A 154 3.62 5.43 -10.17
CA PRO A 154 2.98 4.27 -10.79
C PRO A 154 3.71 3.64 -11.97
N LYS A 155 3.61 2.31 -12.07
CA LYS A 155 4.04 1.63 -13.30
C LYS A 155 3.63 0.19 -13.29
N ARG A 156 3.22 -0.31 -14.41
CA ARG A 156 3.03 -1.74 -14.50
C ARG A 156 4.43 -2.24 -14.92
N PRO A 157 5.05 -3.22 -14.21
CA PRO A 157 6.40 -3.77 -14.53
C PRO A 157 6.49 -5.28 -14.85
N ALA A 158 7.05 -5.65 -16.03
CA ALA A 158 7.16 -7.10 -16.31
C ALA A 158 8.37 -7.73 -15.58
N ALA A 159 8.07 -8.76 -14.78
CA ALA A 159 9.06 -9.48 -14.05
C ALA A 159 9.83 -10.35 -15.01
N THR A 160 11.16 -10.25 -14.92
CA THR A 160 12.05 -11.00 -15.77
C THR A 160 13.10 -11.65 -14.87
N TYR A 161 13.65 -10.92 -13.91
CA TYR A 161 14.71 -11.41 -13.03
C TYR A 161 14.17 -12.09 -11.74
N LEU A 162 12.95 -11.76 -11.32
CA LEU A 162 12.26 -12.46 -10.27
C LEU A 162 10.93 -12.83 -10.94
N GLY A 163 10.58 -14.11 -10.94
CA GLY A 163 9.33 -14.54 -11.56
C GLY A 163 8.69 -15.71 -10.83
N LYS A 164 7.81 -16.47 -11.50
CA LYS A 164 6.96 -17.43 -10.81
C LYS A 164 7.68 -18.52 -10.03
N ALA A 165 8.90 -18.81 -10.48
CA ALA A 165 9.61 -19.95 -9.93
C ALA A 165 10.78 -19.60 -9.00
N GLY A 166 11.19 -18.33 -8.99
CA GLY A 166 12.29 -17.86 -8.19
C GLY A 166 13.12 -16.86 -8.99
N TYR A 167 14.30 -16.62 -8.46
CA TYR A 167 15.28 -15.71 -9.02
C TYR A 167 16.18 -16.40 -10.10
N VAL A 168 15.74 -16.26 -11.37
CA VAL A 168 16.29 -16.79 -12.63
C VAL A 168 17.81 -16.78 -12.83
N GLY A 169 18.45 -15.67 -12.46
CA GLY A 169 19.87 -15.56 -12.62
C GLY A 169 20.62 -16.12 -11.43
N LEU A 170 19.98 -16.56 -10.38
CA LEU A 170 20.71 -17.04 -9.24
C LEU A 170 20.52 -18.57 -9.22
N THR A 171 21.33 -19.01 -10.19
CA THR A 171 21.54 -20.38 -10.63
C THR A 171 22.52 -21.05 -9.72
N ARG A 172 22.58 -22.39 -9.79
CA ARG A 172 23.64 -23.09 -9.06
C ARG A 172 24.95 -22.77 -9.75
N GLN A 173 25.94 -22.47 -8.92
CA GLN A 173 27.25 -22.22 -9.47
C GLN A 173 28.08 -23.47 -9.28
N ALA A 174 28.59 -23.89 -10.41
CA ALA A 174 29.45 -25.06 -10.52
C ALA A 174 30.88 -24.71 -10.11
N ASP A 175 31.42 -23.57 -10.58
CA ASP A 175 32.79 -23.19 -10.32
C ASP A 175 32.96 -21.74 -9.92
N ALA A 176 32.63 -21.50 -8.66
CA ALA A 176 32.71 -20.17 -8.05
C ALA A 176 34.15 -19.63 -7.96
N ALA A 177 35.09 -20.57 -7.75
CA ALA A 177 36.51 -20.31 -7.64
C ALA A 177 37.11 -19.60 -8.85
N ASN A 178 36.43 -19.82 -9.96
CA ASN A 178 36.88 -19.35 -11.22
C ASN A 178 35.95 -18.37 -11.90
N ASN A 179 34.64 -18.58 -11.76
CA ASN A 179 33.70 -17.75 -12.48
C ASN A 179 33.30 -16.53 -11.72
N PHE A 180 33.37 -16.66 -10.39
CA PHE A 180 33.09 -15.55 -9.50
C PHE A 180 34.38 -14.87 -9.11
N HIS A 181 35.32 -15.62 -8.53
CA HIS A 181 36.54 -15.04 -8.00
C HIS A 181 37.63 -14.79 -9.00
N ASP A 182 38.26 -13.63 -8.90
CA ASP A 182 39.38 -13.28 -9.75
C ASP A 182 40.56 -14.19 -9.47
N ASN A 183 41.59 -14.08 -10.30
CA ASN A 183 42.85 -14.78 -10.04
C ASN A 183 43.64 -14.07 -8.94
N ASP A 184 43.79 -12.74 -8.97
CA ASP A 184 44.65 -12.07 -8.04
C ASP A 184 44.15 -10.81 -7.30
N ALA A 185 43.01 -10.19 -7.69
CA ALA A 185 42.55 -8.95 -7.04
C ALA A 185 42.17 -9.25 -5.61
N GLU A 186 42.67 -8.46 -4.67
CA GLU A 186 42.50 -8.79 -3.25
C GLU A 186 41.20 -8.30 -2.64
N CYS A 187 40.53 -9.15 -1.89
CA CYS A 187 39.32 -8.74 -1.21
C CYS A 187 39.28 -9.43 0.14
N ARG A 188 39.22 -8.72 1.28
CA ARG A 188 39.15 -9.40 2.59
C ARG A 188 37.75 -9.92 2.87
N LEU A 189 36.78 -9.33 2.20
CA LEU A 189 35.36 -9.70 2.22
C LEU A 189 35.12 -11.02 1.52
N ALA A 190 36.12 -11.50 0.75
CA ALA A 190 36.02 -12.75 0.05
C ALA A 190 36.26 -13.99 0.93
N SER A 191 36.82 -13.92 2.15
CA SER A 191 36.84 -15.12 3.03
C SER A 191 36.83 -14.76 4.50
N GLY A 192 36.74 -15.76 5.37
CA GLY A 192 36.74 -15.53 6.79
C GLY A 192 38.06 -15.90 7.44
N HIS A 193 39.07 -16.15 6.61
CA HIS A 193 40.37 -16.55 7.09
C HIS A 193 41.20 -15.30 7.36
N ASN A 194 42.10 -15.38 8.33
CA ASN A 194 42.94 -14.25 8.74
C ASN A 194 44.01 -13.77 7.80
N THR A 195 44.25 -14.48 6.70
CA THR A 195 45.35 -14.14 5.83
C THR A 195 44.98 -13.15 4.75
N ASN A 196 43.86 -13.38 4.05
CA ASN A 196 43.48 -12.57 2.89
C ASN A 196 41.98 -12.30 2.99
N GLY A 197 41.42 -12.63 4.16
CA GLY A 197 40.01 -12.50 4.43
C GLY A 197 39.81 -11.69 5.70
N LEU A 198 38.59 -11.73 6.22
CA LEU A 198 38.13 -10.98 7.40
C LEU A 198 38.69 -11.33 8.77
N GLY A 199 39.38 -12.44 8.93
CA GLY A 199 39.91 -12.78 10.24
C GLY A 199 41.11 -11.86 10.53
N LYS A 200 41.32 -11.47 11.78
CA LYS A 200 42.47 -10.66 12.11
C LYS A 200 43.53 -11.58 12.67
N SER A 201 43.50 -11.92 13.95
CA SER A 201 44.54 -12.78 14.41
C SER A 201 44.24 -14.26 14.08
N GLY A 202 43.00 -14.52 13.71
CA GLY A 202 42.62 -15.85 13.38
C GLY A 202 41.50 -15.82 12.38
N GLN A 203 41.12 -16.99 11.94
CA GLN A 203 39.96 -17.14 11.08
C GLN A 203 38.79 -16.77 11.97
N LEU A 204 37.64 -16.49 11.40
CA LEU A 204 36.53 -16.13 12.25
C LEU A 204 35.93 -17.40 12.83
N SER A 205 34.92 -17.28 13.68
CA SER A 205 34.35 -18.41 14.38
C SER A 205 33.59 -19.37 13.51
N ALA A 206 33.15 -18.93 12.34
CA ALA A 206 32.34 -19.77 11.50
C ALA A 206 32.16 -19.05 10.18
N ALA A 207 31.38 -19.68 9.29
CA ALA A 207 31.06 -19.04 8.05
C ALA A 207 30.04 -17.90 8.25
N VAL A 208 30.29 -16.88 7.48
CA VAL A 208 29.50 -15.69 7.44
C VAL A 208 28.62 -15.83 6.21
N THR A 209 27.33 -15.53 6.24
CA THR A 209 26.54 -15.48 5.01
C THR A 209 26.19 -14.04 4.75
N MET A 210 26.16 -13.61 3.50
CA MET A 210 25.90 -12.23 3.14
C MET A 210 24.79 -12.14 2.11
N ALA A 211 24.33 -10.89 1.78
CA ALA A 211 23.20 -10.63 0.87
C ALA A 211 21.98 -11.47 1.24
N ALA A 212 21.45 -11.28 2.44
CA ALA A 212 20.30 -12.02 2.96
C ALA A 212 20.36 -13.56 2.78
N GLY A 213 21.54 -14.09 3.13
CA GLY A 213 21.81 -15.52 3.09
C GLY A 213 22.00 -16.04 1.69
N TYR A 214 22.49 -15.20 0.79
CA TYR A 214 22.79 -15.61 -0.55
C TYR A 214 24.16 -16.28 -0.64
N VAL A 215 25.20 -15.51 -0.32
CA VAL A 215 26.55 -15.96 -0.46
C VAL A 215 27.09 -16.39 0.90
N THR A 216 27.79 -17.52 1.03
CA THR A 216 28.41 -17.93 2.26
C THR A 216 29.89 -17.76 2.08
N VAL A 217 30.52 -17.24 3.11
CA VAL A 217 31.92 -16.88 3.14
C VAL A 217 32.53 -17.75 4.25
N ALA A 218 33.45 -18.70 3.96
CA ALA A 218 33.91 -19.58 5.06
C ALA A 218 35.16 -19.03 5.71
N ASN A 219 35.40 -19.45 6.96
CA ASN A 219 36.59 -19.01 7.67
C ASN A 219 37.82 -19.71 7.12
N SER A 220 37.61 -20.73 6.28
CA SER A 220 38.67 -21.45 5.60
C SER A 220 39.11 -20.70 4.36
N GLN A 221 40.24 -21.14 3.79
CA GLN A 221 40.78 -20.55 2.57
C GLN A 221 40.09 -21.24 1.42
N THR A 222 38.86 -20.84 1.15
CA THR A 222 38.03 -21.46 0.14
C THR A 222 37.28 -20.35 -0.58
N ALA A 223 36.58 -20.77 -1.63
CA ALA A 223 35.74 -19.86 -2.39
C ALA A 223 34.30 -19.88 -1.88
N VAL A 224 33.56 -18.89 -2.40
CA VAL A 224 32.22 -18.61 -1.93
C VAL A 224 31.25 -19.69 -2.44
N THR A 225 30.23 -19.88 -1.66
CA THR A 225 29.09 -20.74 -1.97
C THR A 225 27.91 -19.81 -2.17
N VAL A 226 27.11 -19.96 -3.20
CA VAL A 226 25.94 -19.14 -3.39
C VAL A 226 24.75 -20.08 -3.53
N GLN A 227 23.63 -19.74 -2.91
CA GLN A 227 22.37 -20.49 -3.04
C GLN A 227 21.72 -20.42 -4.43
N ALA A 228 21.21 -21.53 -4.96
CA ALA A 228 20.47 -21.45 -6.19
C ALA A 228 19.04 -20.99 -5.81
N LEU A 229 18.71 -19.79 -6.26
CA LEU A 229 17.44 -19.14 -5.94
C LEU A 229 16.44 -19.16 -7.09
N ASP A 230 16.79 -19.71 -8.26
CA ASP A 230 15.89 -19.82 -9.40
C ASP A 230 14.80 -20.90 -9.44
N ALA A 231 14.67 -21.82 -8.47
CA ALA A 231 13.50 -22.70 -8.44
C ALA A 231 13.04 -22.94 -6.99
N LEU A 232 12.49 -21.88 -6.38
CA LEU A 232 12.11 -21.84 -5.00
C LEU A 232 10.84 -22.62 -4.67
N GLN A 233 10.76 -23.03 -3.41
CA GLN A 233 9.60 -23.66 -2.82
C GLN A 233 9.37 -22.85 -1.55
N GLU A 234 8.12 -22.63 -1.13
CA GLU A 234 7.96 -21.82 0.06
C GLU A 234 8.41 -22.56 1.31
N ALA A 235 9.07 -21.83 2.20
CA ALA A 235 9.66 -22.41 3.39
C ALA A 235 9.66 -21.39 4.53
N SER A 236 9.94 -21.89 5.73
CA SER A 236 10.06 -21.02 6.86
C SER A 236 11.43 -21.27 7.45
N GLY A 237 11.98 -20.33 8.20
CA GLY A 237 13.23 -20.56 8.88
C GLY A 237 14.43 -20.76 7.95
N ALA A 238 14.24 -20.52 6.66
CA ALA A 238 15.30 -20.67 5.69
C ALA A 238 16.33 -19.54 5.80
N ALA A 239 17.62 -19.86 5.83
CA ALA A 239 18.72 -18.89 5.82
C ALA A 239 18.60 -17.70 4.82
N HIS A 240 17.79 -17.85 3.77
CA HIS A 240 17.68 -16.85 2.73
C HIS A 240 16.21 -16.52 2.57
N GLN A 241 15.52 -16.62 3.69
CA GLN A 241 14.11 -16.36 3.76
C GLN A 241 13.75 -15.07 3.09
N PRO A 242 14.41 -13.91 3.21
CA PRO A 242 14.08 -12.68 2.51
C PRO A 242 13.76 -12.93 1.05
N TRP A 243 14.59 -13.75 0.39
CA TRP A 243 14.45 -14.11 -1.02
C TRP A 243 13.14 -14.87 -1.25
N ILE A 244 12.86 -15.84 -0.37
CA ILE A 244 11.64 -16.63 -0.46
C ILE A 244 10.43 -15.73 -0.36
N ASP A 245 10.45 -14.87 0.65
CA ASP A 245 9.38 -13.95 0.96
C ASP A 245 9.01 -12.93 -0.10
N ALA A 246 10.02 -12.28 -0.70
CA ALA A 246 9.79 -11.33 -1.77
C ALA A 246 9.20 -12.05 -2.94
N TRP A 247 9.69 -13.26 -3.26
CA TRP A 247 9.12 -14.15 -4.29
C TRP A 247 7.65 -14.47 -4.02
N LYS A 248 7.38 -15.13 -2.91
CA LYS A 248 6.05 -15.52 -2.53
C LYS A 248 5.04 -14.37 -2.59
N ALA A 249 5.43 -13.18 -2.08
CA ALA A 249 4.61 -12.00 -2.11
C ALA A 249 4.34 -11.55 -3.53
N LYS A 250 5.39 -11.37 -4.34
CA LYS A 250 5.20 -10.96 -5.73
C LYS A 250 4.33 -11.96 -6.51
N LYS A 251 4.47 -13.23 -6.14
CA LYS A 251 3.83 -14.32 -6.84
C LYS A 251 2.35 -14.32 -6.50
N ALA A 252 1.99 -13.90 -5.27
CA ALA A 252 0.57 -13.83 -4.89
C ALA A 252 -0.21 -12.68 -5.49
N LEU A 253 0.37 -11.79 -6.28
CA LEU A 253 -0.37 -10.62 -6.66
C LEU A 253 -1.37 -10.89 -7.77
N THR A 254 -2.60 -10.33 -7.66
CA THR A 254 -3.57 -10.46 -8.74
C THR A 254 -3.72 -9.20 -9.50
N GLY A 255 -3.52 -8.06 -8.82
CA GLY A 255 -3.75 -6.77 -9.46
C GLY A 255 -5.22 -6.43 -9.43
N ALA A 256 -5.64 -5.23 -9.89
CA ALA A 256 -7.07 -4.84 -9.84
C ALA A 256 -7.80 -5.46 -11.04
N GLU A 257 -7.50 -6.73 -11.25
CA GLU A 257 -7.91 -7.44 -12.41
C GLU A 257 -8.85 -8.54 -12.06
N THR A 258 -9.16 -8.75 -10.81
CA THR A 258 -10.09 -9.79 -10.46
C THR A 258 -11.50 -9.44 -10.88
N ALA A 259 -12.36 -10.44 -10.87
CA ALA A 259 -13.79 -10.38 -11.16
C ALA A 259 -14.46 -9.08 -10.87
N GLU A 260 -14.27 -8.58 -9.64
CA GLU A 260 -14.91 -7.40 -9.13
C GLU A 260 -14.59 -6.15 -9.90
N PHE A 261 -13.43 -6.11 -10.53
CA PHE A 261 -12.99 -4.95 -11.26
C PHE A 261 -13.20 -5.14 -12.76
N ARG A 262 -13.74 -6.28 -13.14
CA ARG A 262 -14.01 -6.57 -14.52
C ARG A 262 -15.50 -6.56 -14.72
N ASN A 263 -15.89 -6.06 -15.88
CA ASN A 263 -17.29 -6.07 -16.26
C ASN A 263 -17.68 -7.47 -16.75
N GLU A 264 -18.97 -7.77 -16.69
CA GLU A 264 -19.47 -9.07 -17.08
C GLU A 264 -20.24 -8.87 -18.36
N THR A 265 -19.92 -9.61 -19.38
CA THR A 265 -20.60 -9.45 -20.65
C THR A 265 -21.51 -10.64 -21.01
N ALA A 266 -21.87 -11.44 -20.00
CA ALA A 266 -22.70 -12.61 -20.18
C ALA A 266 -24.18 -12.22 -20.37
N GLY A 267 -25.13 -13.14 -20.17
CA GLY A 267 -26.53 -12.86 -20.34
C GLY A 267 -27.02 -12.13 -19.11
N ILE A 268 -28.11 -11.39 -19.30
CA ILE A 268 -28.64 -10.54 -18.26
C ILE A 268 -28.96 -11.29 -16.98
N ALA A 269 -29.60 -12.46 -17.03
CA ALA A 269 -29.94 -13.20 -15.82
C ALA A 269 -28.74 -13.67 -15.00
N GLY A 270 -27.56 -13.62 -15.63
CA GLY A 270 -26.34 -14.12 -15.02
C GLY A 270 -25.54 -13.03 -14.36
N LYS A 271 -25.75 -11.79 -14.80
CA LYS A 271 -25.06 -10.65 -14.23
C LYS A 271 -25.21 -10.49 -12.71
N THR A 272 -24.17 -9.97 -12.06
CA THR A 272 -24.18 -9.75 -10.63
C THR A 272 -25.38 -8.95 -10.18
N GLY A 273 -26.32 -9.61 -9.49
CA GLY A 273 -27.49 -8.91 -8.94
C GLY A 273 -28.84 -9.31 -9.55
N VAL A 274 -28.96 -9.33 -10.89
CA VAL A 274 -30.19 -9.59 -11.65
C VAL A 274 -31.05 -10.74 -11.11
N THR A 275 -30.73 -12.03 -11.21
CA THR A 275 -31.66 -13.07 -10.76
C THR A 275 -32.11 -12.89 -9.31
N LYS A 276 -31.21 -12.54 -8.42
CA LYS A 276 -31.57 -12.40 -7.02
C LYS A 276 -32.51 -11.19 -6.79
N LEU A 277 -32.37 -10.12 -7.58
CA LEU A 277 -33.23 -8.95 -7.47
C LEU A 277 -34.59 -9.27 -8.07
N VAL A 278 -34.59 -10.01 -9.18
CA VAL A 278 -35.82 -10.37 -9.81
C VAL A 278 -36.58 -11.29 -8.87
N GLU A 279 -35.98 -12.23 -8.18
CA GLU A 279 -36.70 -13.07 -7.25
C GLU A 279 -37.24 -12.32 -6.06
N GLU A 280 -36.46 -11.40 -5.51
CA GLU A 280 -36.81 -10.67 -4.30
C GLU A 280 -37.81 -9.53 -4.46
N ALA A 281 -37.59 -8.67 -5.46
CA ALA A 281 -38.44 -7.54 -5.73
C ALA A 281 -39.50 -7.88 -6.72
N LEU A 282 -39.17 -8.13 -7.99
CA LEU A 282 -40.19 -8.33 -9.01
C LEU A 282 -41.03 -9.56 -8.80
N LEU A 283 -40.39 -10.69 -8.55
CA LEU A 283 -41.10 -11.96 -8.46
C LEU A 283 -41.67 -12.15 -7.09
N LYS A 284 -40.95 -11.61 -6.09
CA LYS A 284 -41.30 -11.72 -4.71
C LYS A 284 -41.41 -13.20 -4.31
N LYS A 285 -40.86 -14.07 -5.17
CA LYS A 285 -40.85 -15.52 -5.05
C LYS A 285 -39.38 -15.86 -5.00
N LYS A 286 -38.91 -16.06 -3.80
CA LYS A 286 -37.51 -16.36 -3.61
C LYS A 286 -37.35 -17.87 -3.83
N ASP A 287 -36.52 -18.16 -4.83
CA ASP A 287 -36.17 -19.45 -5.41
C ASP A 287 -36.99 -19.71 -6.69
N SER A 288 -36.91 -18.80 -7.65
CA SER A 288 -37.65 -18.99 -8.88
C SER A 288 -36.78 -19.46 -10.02
N GLU A 289 -37.34 -20.40 -10.80
CA GLU A 289 -36.69 -21.06 -11.93
C GLU A 289 -36.26 -20.15 -13.07
N ALA A 290 -35.02 -20.21 -13.57
CA ALA A 290 -34.48 -19.23 -14.52
C ALA A 290 -35.31 -18.80 -15.72
N SER A 291 -36.27 -19.60 -16.14
CA SER A 291 -37.19 -19.29 -17.23
C SER A 291 -38.10 -18.14 -16.85
N GLU A 292 -38.58 -18.16 -15.62
CA GLU A 292 -39.44 -17.10 -15.14
C GLU A 292 -38.63 -15.84 -14.81
N ILE A 293 -37.32 -16.01 -14.60
CA ILE A 293 -36.39 -14.89 -14.52
C ILE A 293 -36.29 -14.33 -15.96
N GLN A 294 -36.07 -15.18 -16.96
CA GLN A 294 -35.95 -14.86 -18.38
C GLN A 294 -37.15 -14.07 -18.87
N THR A 295 -38.29 -14.42 -18.32
CA THR A 295 -39.56 -13.80 -18.68
C THR A 295 -39.71 -12.34 -18.22
N GLU A 296 -39.51 -12.14 -16.91
CA GLU A 296 -39.51 -10.83 -16.31
C GLU A 296 -38.50 -9.94 -17.04
N LEU A 297 -37.31 -10.46 -17.33
CA LEU A 297 -36.28 -9.70 -18.02
C LEU A 297 -36.72 -9.26 -19.39
N LYS A 298 -37.49 -10.10 -20.10
CA LYS A 298 -37.99 -9.70 -21.42
C LYS A 298 -38.90 -8.49 -21.34
N LYS A 299 -39.64 -8.36 -20.22
CA LYS A 299 -40.52 -7.23 -20.00
C LYS A 299 -39.75 -5.91 -19.91
N TYR A 300 -38.52 -5.93 -19.42
CA TYR A 300 -37.80 -4.69 -19.23
C TYR A 300 -36.73 -4.44 -20.26
N PHE A 301 -36.01 -5.51 -20.55
CA PHE A 301 -34.90 -5.49 -21.45
C PHE A 301 -35.25 -5.76 -22.90
N SER A 302 -36.40 -6.45 -23.11
CA SER A 302 -36.86 -7.01 -24.37
C SER A 302 -36.10 -8.27 -24.73
N GLY A 303 -35.67 -9.00 -23.72
CA GLY A 303 -34.90 -10.20 -23.93
C GLY A 303 -34.06 -10.45 -22.71
N HIS A 304 -33.00 -11.25 -22.88
CA HIS A 304 -32.23 -11.64 -21.71
C HIS A 304 -30.78 -11.93 -22.02
N GLU A 305 -30.30 -11.47 -23.18
CA GLU A 305 -28.91 -11.67 -23.53
C GLU A 305 -28.23 -10.31 -23.59
N ASN A 306 -26.90 -10.32 -23.45
CA ASN A 306 -26.06 -9.13 -23.34
C ASN A 306 -26.39 -7.96 -24.26
N GLU A 307 -26.86 -8.20 -25.48
CA GLU A 307 -27.19 -7.14 -26.43
C GLU A 307 -28.36 -6.24 -25.99
N GLN A 308 -29.25 -6.75 -25.15
CA GLN A 308 -30.35 -5.95 -24.58
C GLN A 308 -29.83 -5.19 -23.36
N TRP A 309 -28.87 -5.74 -22.60
CA TRP A 309 -28.30 -5.00 -21.50
C TRP A 309 -27.61 -3.76 -22.05
N THR A 310 -26.90 -3.90 -23.17
CA THR A 310 -26.26 -2.77 -23.77
C THR A 310 -27.24 -1.75 -24.32
N ALA A 311 -28.34 -2.22 -24.87
CA ALA A 311 -29.27 -1.29 -25.45
C ALA A 311 -29.85 -0.34 -24.39
N ILE A 312 -30.16 -0.90 -23.21
CA ILE A 312 -30.58 -0.11 -22.07
C ILE A 312 -29.46 0.87 -21.73
N GLU A 313 -28.25 0.35 -21.61
CA GLU A 313 -27.11 1.17 -21.33
C GLU A 313 -26.93 2.32 -22.31
N LYS A 314 -27.43 2.16 -23.52
CA LYS A 314 -27.31 3.15 -24.59
C LYS A 314 -28.30 4.27 -24.34
N LEU A 315 -29.45 3.87 -23.85
CA LEU A 315 -30.49 4.79 -23.51
C LEU A 315 -30.02 5.61 -22.35
N ILE A 316 -29.56 4.94 -21.31
CA ILE A 316 -28.95 5.56 -20.14
C ILE A 316 -27.89 6.55 -20.57
N SER A 317 -26.83 6.20 -21.25
CA SER A 317 -25.85 7.16 -21.67
C SER A 317 -26.37 8.29 -22.58
N GLU A 318 -27.51 8.05 -23.26
CA GLU A 318 -28.16 9.01 -24.15
C GLU A 318 -28.83 10.11 -23.34
N GLN A 319 -29.58 9.70 -22.33
CA GLN A 319 -30.36 10.55 -21.45
C GLN A 319 -29.69 11.83 -21.00
N PRO A 320 -30.20 13.00 -21.40
CA PRO A 320 -29.62 14.26 -21.00
C PRO A 320 -30.19 14.74 -19.63
N VAL A 321 -29.42 15.64 -19.04
CA VAL A 321 -29.82 16.35 -17.85
C VAL A 321 -30.12 17.82 -18.15
N ALA A 322 -30.67 18.42 -17.10
CA ALA A 322 -30.96 19.83 -16.99
C ALA A 322 -29.73 20.65 -17.25
N GLN A 323 -29.85 21.65 -18.10
CA GLN A 323 -28.74 22.52 -18.44
C GLN A 323 -28.10 23.16 -17.21
N ASN A 324 -28.87 23.65 -16.24
CA ASN A 324 -28.35 24.27 -15.02
C ASN A 324 -27.48 23.34 -14.18
N LEU A 325 -27.69 22.03 -14.33
CA LEU A 325 -26.98 21.10 -13.52
C LEU A 325 -25.54 20.99 -14.00
N VAL A 326 -25.21 21.51 -15.19
CA VAL A 326 -23.88 21.37 -15.78
C VAL A 326 -23.17 22.71 -16.01
N GLY A 327 -21.87 22.68 -16.24
CA GLY A 327 -21.09 23.86 -16.43
C GLY A 327 -21.45 24.65 -17.67
N ASP A 328 -20.89 25.83 -17.72
CA ASP A 328 -21.07 26.75 -18.83
C ASP A 328 -20.53 26.03 -20.04
N ASN A 329 -21.46 25.65 -20.92
CA ASN A 329 -21.19 24.97 -22.19
C ASN A 329 -20.77 23.52 -22.11
N GLN A 330 -20.90 22.90 -20.94
CA GLN A 330 -20.56 21.51 -20.78
C GLN A 330 -21.70 20.63 -21.25
N PRO A 331 -21.40 19.39 -21.70
CA PRO A 331 -22.31 18.38 -22.16
C PRO A 331 -23.30 17.99 -21.09
N THR A 332 -24.47 17.55 -21.52
CA THR A 332 -25.54 17.25 -20.60
C THR A 332 -25.93 15.79 -20.59
N LYS A 333 -25.44 15.00 -21.56
CA LYS A 333 -25.80 13.59 -21.64
C LYS A 333 -25.05 12.80 -20.60
N LEU A 334 -25.69 11.80 -19.97
CA LEU A 334 -25.08 11.01 -18.90
C LEU A 334 -23.83 10.24 -19.30
N GLY A 335 -23.84 9.68 -20.53
CA GLY A 335 -22.66 9.00 -21.06
C GLY A 335 -21.47 9.94 -21.17
N GLU A 336 -21.72 11.26 -21.21
CA GLU A 336 -20.67 12.21 -21.31
C GLU A 336 -20.37 12.87 -19.99
N LEU A 337 -20.77 12.30 -18.84
CA LEU A 337 -20.52 12.94 -17.55
C LEU A 337 -19.84 11.92 -16.70
N GLU A 338 -18.66 12.20 -16.16
CA GLU A 338 -18.03 11.20 -15.32
C GLU A 338 -17.70 11.88 -14.01
N GLY A 339 -17.44 11.08 -12.99
CA GLY A 339 -17.05 11.57 -11.69
C GLY A 339 -18.12 11.35 -10.60
N ASN A 340 -17.87 10.40 -9.70
CA ASN A 340 -18.80 10.03 -8.69
C ASN A 340 -19.43 11.19 -7.98
N ALA A 341 -18.63 12.18 -7.57
CA ALA A 341 -19.13 13.37 -6.86
C ALA A 341 -20.11 14.20 -7.68
N LYS A 342 -19.79 14.35 -8.96
CA LYS A 342 -20.61 15.06 -9.91
C LYS A 342 -21.96 14.35 -10.08
N LEU A 343 -21.90 13.05 -10.34
CA LEU A 343 -23.08 12.28 -10.64
C LEU A 343 -23.87 12.09 -9.37
N THR A 344 -23.26 12.03 -8.20
CA THR A 344 -24.00 11.85 -6.94
C THR A 344 -24.96 13.03 -6.68
N THR A 345 -24.52 14.17 -7.15
CA THR A 345 -25.24 15.42 -7.10
C THR A 345 -26.45 15.42 -8.05
N ILE A 346 -26.24 15.07 -9.33
CA ILE A 346 -27.30 14.99 -10.29
C ILE A 346 -28.36 14.00 -9.79
N LEU A 347 -27.94 12.86 -9.28
CA LEU A 347 -28.85 11.92 -8.69
C LEU A 347 -29.66 12.56 -7.58
N ALA A 348 -29.09 13.39 -6.69
CA ALA A 348 -29.87 13.99 -5.58
C ALA A 348 -30.84 15.07 -6.03
N TYR A 349 -30.55 15.73 -7.16
CA TYR A 349 -31.48 16.65 -7.77
C TYR A 349 -32.73 15.87 -8.22
N TYR A 350 -32.56 14.74 -8.89
CA TYR A 350 -33.68 13.97 -9.38
C TYR A 350 -34.39 13.18 -8.28
N ARG A 351 -33.67 12.78 -7.24
CA ARG A 351 -34.29 12.13 -6.10
C ARG A 351 -35.21 13.10 -5.40
N MET A 352 -34.83 14.38 -5.44
CA MET A 352 -35.61 15.47 -4.89
C MET A 352 -36.84 15.72 -5.79
N GLU A 353 -36.67 15.74 -7.12
CA GLU A 353 -37.77 15.89 -8.06
C GLU A 353 -38.82 14.77 -7.85
N THR A 354 -38.38 13.52 -7.77
CA THR A 354 -39.25 12.37 -7.50
C THR A 354 -40.01 12.54 -6.21
N ALA A 355 -39.32 13.16 -5.25
CA ALA A 355 -39.90 13.44 -3.96
C ALA A 355 -41.13 14.35 -4.12
N GLY A 356 -40.86 15.45 -4.81
CA GLY A 356 -41.82 16.46 -5.15
C GLY A 356 -42.89 15.98 -6.11
N LYS A 357 -42.60 15.15 -7.13
CA LYS A 357 -43.62 14.64 -8.03
C LYS A 357 -44.52 13.68 -7.26
N PHE A 358 -43.94 12.78 -6.44
CA PHE A 358 -44.77 11.85 -5.68
C PHE A 358 -45.76 12.61 -4.82
N GLU A 359 -45.38 13.64 -4.06
CA GLU A 359 -46.38 14.36 -3.31
C GLU A 359 -47.26 15.20 -4.25
N VAL A 360 -46.74 15.92 -5.26
CA VAL A 360 -47.62 16.59 -6.25
C VAL A 360 -48.67 15.65 -6.82
N LEU A 361 -48.43 14.35 -6.75
CA LEU A 361 -49.34 13.41 -7.28
C LEU A 361 -50.18 12.67 -6.30
N THR A 362 -49.85 12.64 -5.02
CA THR A 362 -50.55 11.69 -4.17
C THR A 362 -51.55 12.25 -3.14
N ALA B 1 39.19 2.03 21.66
CA ALA B 1 40.38 2.27 20.88
C ALA B 1 39.91 2.20 19.41
N ALA B 2 40.60 2.88 18.51
CA ALA B 2 40.28 2.81 17.09
C ALA B 2 40.51 1.39 16.56
N GLU B 3 39.87 1.04 15.42
CA GLU B 3 40.01 -0.27 14.75
C GLU B 3 39.68 -1.48 15.62
N LYS B 4 38.77 -1.32 16.54
CA LYS B 4 38.30 -2.39 17.40
C LYS B 4 36.79 -2.63 17.22
N GLY B 5 36.35 -3.82 17.61
CA GLY B 5 34.96 -4.24 17.62
C GLY B 5 34.05 -3.18 18.25
N PHE B 6 32.80 -3.19 17.81
CA PHE B 6 31.80 -2.22 18.27
C PHE B 6 31.05 -2.62 19.52
N LYS B 7 31.00 -1.68 20.47
CA LYS B 7 30.34 -1.91 21.75
C LYS B 7 28.85 -1.56 21.61
N GLN B 8 28.05 -2.20 22.43
CA GLN B 8 26.57 -2.08 22.37
C GLN B 8 26.02 -0.64 22.20
N ALA B 9 26.80 0.36 22.60
CA ALA B 9 26.37 1.81 22.57
C ALA B 9 26.33 2.42 21.15
N PHE B 10 26.88 1.58 20.26
CA PHE B 10 26.94 1.81 18.80
C PHE B 10 25.77 1.08 18.16
N TRP B 11 25.64 -0.21 18.47
CA TRP B 11 24.69 -0.95 17.68
C TRP B 11 23.29 -1.02 18.24
N GLN B 12 23.09 -0.96 19.57
CA GLN B 12 21.74 -0.94 20.14
C GLN B 12 20.89 0.16 19.51
N PRO B 13 21.38 1.35 19.18
CA PRO B 13 20.56 2.37 18.54
C PRO B 13 20.05 1.86 17.19
N LEU B 14 20.89 1.20 16.39
CA LEU B 14 20.48 0.82 15.05
C LEU B 14 19.46 -0.28 15.18
N CYS B 15 19.62 -1.19 16.14
CA CYS B 15 18.64 -2.25 16.40
C CYS B 15 17.25 -1.68 16.66
N GLN B 16 17.19 -0.62 17.44
CA GLN B 16 15.96 0.03 17.80
C GLN B 16 15.22 0.61 16.60
N VAL B 17 15.96 1.24 15.71
CA VAL B 17 15.42 1.80 14.48
C VAL B 17 15.02 0.65 13.58
N SER B 18 15.83 -0.37 13.31
CA SER B 18 15.42 -1.50 12.50
C SER B 18 14.05 -2.07 12.94
N GLU B 19 13.89 -2.29 14.24
CA GLU B 19 12.66 -2.92 14.83
C GLU B 19 11.42 -1.98 14.90
N GLU B 20 11.71 -0.72 14.66
CA GLU B 20 10.64 0.26 14.67
C GLU B 20 10.06 0.45 13.30
N LEU B 21 11.02 0.29 12.31
CA LEU B 21 10.81 0.35 10.80
C LEU B 21 10.05 -0.92 10.38
N ASP B 22 10.15 -1.93 11.22
CA ASP B 22 9.45 -3.15 10.98
C ASP B 22 7.94 -3.01 11.03
N ASP B 23 7.50 -1.98 11.75
CA ASP B 23 6.09 -1.73 11.95
C ASP B 23 5.51 -0.78 10.94
N GLN B 24 6.34 -0.23 10.05
CA GLN B 24 5.84 0.72 9.08
C GLN B 24 4.90 0.06 8.07
N PRO B 25 5.13 -1.19 7.60
CA PRO B 25 4.23 -1.85 6.65
C PRO B 25 2.92 -2.13 7.36
N LYS B 26 3.02 -2.60 8.62
CA LYS B 26 1.85 -2.93 9.42
C LYS B 26 0.92 -1.73 9.58
N GLY B 27 1.54 -0.57 9.72
CA GLY B 27 0.85 0.68 9.78
C GLY B 27 0.17 1.03 8.48
N ALA B 28 0.94 0.92 7.38
CA ALA B 28 0.41 1.14 6.03
C ALA B 28 -0.80 0.29 5.77
N LEU B 29 -0.75 -1.01 6.14
CA LEU B 29 -1.86 -1.94 6.06
C LEU B 29 -3.04 -1.43 6.84
N PHE B 30 -2.83 -1.14 8.13
CA PHE B 30 -3.84 -0.57 9.04
C PHE B 30 -4.57 0.62 8.45
N THR B 31 -3.83 1.59 7.94
CA THR B 31 -4.44 2.75 7.33
C THR B 31 -5.19 2.45 6.07
N LEU B 32 -4.63 1.72 5.11
CA LEU B 32 -5.34 1.43 3.87
C LEU B 32 -6.64 0.73 4.18
N GLN B 33 -6.63 -0.17 5.14
CA GLN B 33 -7.86 -0.85 5.51
C GLN B 33 -8.86 0.05 6.26
N ALA B 34 -8.33 0.92 7.10
CA ALA B 34 -9.09 1.87 7.85
C ALA B 34 -9.84 2.84 6.91
N ALA B 35 -9.19 3.27 5.84
CA ALA B 35 -9.81 4.10 4.83
C ALA B 35 -10.99 3.37 4.18
N ALA B 36 -10.88 2.09 3.77
CA ALA B 36 -12.00 1.41 3.14
C ALA B 36 -13.15 1.22 4.12
N SER B 37 -12.86 0.79 5.37
CA SER B 37 -13.89 0.58 6.40
C SER B 37 -14.63 1.82 6.69
N LYS B 38 -13.98 2.96 6.67
CA LYS B 38 -14.62 4.24 6.88
C LYS B 38 -15.46 4.66 5.68
N ILE B 39 -14.93 4.51 4.44
CA ILE B 39 -15.71 4.73 3.21
C ILE B 39 -17.00 3.89 3.23
N GLN B 40 -16.87 2.63 3.59
CA GLN B 40 -17.94 1.70 3.80
C GLN B 40 -18.95 2.24 4.81
N LYS B 41 -18.52 2.79 5.96
CA LYS B 41 -19.45 3.27 6.96
C LYS B 41 -20.27 4.48 6.52
N MET B 42 -19.65 5.37 5.73
CA MET B 42 -20.31 6.53 5.18
C MET B 42 -21.34 6.07 4.14
N ARG B 43 -20.97 5.10 3.27
CA ARG B 43 -21.82 4.49 2.28
C ARG B 43 -23.03 3.88 2.93
N ASP B 44 -22.81 3.10 3.97
CA ASP B 44 -23.90 2.51 4.73
C ASP B 44 -24.89 3.53 5.25
N ALA B 45 -24.38 4.67 5.73
CA ALA B 45 -25.24 5.73 6.19
C ALA B 45 -26.06 6.30 5.03
N ALA B 46 -25.44 6.56 3.87
CA ALA B 46 -26.20 7.03 2.71
C ALA B 46 -27.21 5.99 2.22
N LEU B 47 -26.88 4.70 2.27
CA LEU B 47 -27.84 3.69 1.84
C LEU B 47 -29.03 3.67 2.78
N ARG B 48 -28.79 3.80 4.09
CA ARG B 48 -29.84 3.77 5.06
C ARG B 48 -30.73 5.00 4.86
N ALA B 49 -30.15 6.18 4.62
CA ALA B 49 -30.97 7.36 4.39
C ALA B 49 -31.80 7.29 3.09
N SER B 50 -31.23 6.77 2.01
CA SER B 50 -31.90 6.63 0.74
C SER B 50 -33.14 5.74 0.78
N ILE B 51 -33.00 4.60 1.46
CA ILE B 51 -34.04 3.58 1.67
C ILE B 51 -35.17 4.23 2.46
N TYR B 52 -34.87 5.00 3.52
CA TYR B 52 -35.89 5.75 4.27
C TYR B 52 -36.59 6.71 3.28
N ALA B 53 -35.88 7.56 2.52
CA ALA B 53 -36.48 8.39 1.52
C ALA B 53 -37.34 7.60 0.56
N GLU B 54 -36.97 6.40 0.14
CA GLU B 54 -37.86 5.64 -0.72
C GLU B 54 -39.11 5.21 0.01
N ILE B 55 -39.06 4.53 1.15
CA ILE B 55 -40.24 4.16 1.90
C ILE B 55 -41.14 5.39 2.18
N ASN B 56 -40.56 6.45 2.68
CA ASN B 56 -41.36 7.50 3.22
C ASN B 56 -41.54 8.65 2.31
N HIS B 57 -41.72 8.47 1.02
CA HIS B 57 -41.95 9.65 0.19
C HIS B 57 -43.23 10.40 0.57
N GLY B 58 -43.33 11.71 0.25
CA GLY B 58 -44.56 12.43 0.51
C GLY B 58 -44.34 13.28 1.76
N THR B 59 -43.68 12.70 2.75
CA THR B 59 -43.31 13.45 3.92
C THR B 59 -42.07 14.29 3.61
N ASN B 60 -41.86 15.24 4.54
CA ASN B 60 -40.76 16.22 4.57
C ASN B 60 -39.46 15.69 5.12
N ARG B 61 -39.62 14.73 6.05
CA ARG B 61 -38.51 14.00 6.60
C ARG B 61 -37.95 13.09 5.50
N ALA B 62 -38.74 12.63 4.53
CA ALA B 62 -38.23 11.98 3.35
C ALA B 62 -37.33 12.94 2.62
N LYS B 63 -37.72 14.18 2.37
CA LYS B 63 -36.82 15.09 1.71
C LYS B 63 -35.58 15.35 2.54
N ALA B 64 -35.70 15.31 3.85
CA ALA B 64 -34.57 15.45 4.75
C ALA B 64 -33.60 14.29 4.59
N ALA B 65 -34.13 13.06 4.57
CA ALA B 65 -33.36 11.84 4.39
C ALA B 65 -32.60 11.85 3.06
N VAL B 66 -33.13 12.44 1.98
CA VAL B 66 -32.36 12.65 0.77
C VAL B 66 -31.17 13.55 1.07
N ILE B 67 -31.32 14.68 1.76
CA ILE B 67 -30.17 15.53 2.04
C ILE B 67 -29.12 14.80 2.91
N VAL B 68 -29.57 14.02 3.90
CA VAL B 68 -28.66 13.21 4.69
C VAL B 68 -27.92 12.21 3.78
N ALA B 69 -28.68 11.42 2.99
CA ALA B 69 -28.16 10.46 2.04
C ALA B 69 -27.16 11.06 1.03
N ASN B 70 -27.37 12.25 0.52
CA ASN B 70 -26.45 12.84 -0.42
C ASN B 70 -25.16 13.25 0.28
N HIS B 71 -25.22 13.63 1.53
CA HIS B 71 -24.03 14.02 2.26
C HIS B 71 -23.14 12.79 2.45
N TYR B 72 -23.70 11.69 2.93
CA TYR B 72 -22.97 10.47 3.14
C TYR B 72 -22.47 9.81 1.87
N ALA B 73 -23.20 9.93 0.77
CA ALA B 73 -22.71 9.49 -0.52
C ALA B 73 -21.49 10.28 -0.88
N MET B 74 -21.53 11.59 -0.74
CA MET B 74 -20.39 12.47 -0.99
C MET B 74 -19.20 12.21 -0.09
N LYS B 75 -19.45 11.77 1.15
CA LYS B 75 -18.36 11.44 2.05
C LYS B 75 -17.71 10.18 1.50
N ALA B 76 -18.48 9.12 1.46
CA ALA B 76 -18.06 7.85 0.93
C ALA B 76 -17.34 8.02 -0.41
N ASP B 77 -17.77 8.97 -1.22
CA ASP B 77 -17.15 9.23 -2.51
C ASP B 77 -15.81 9.91 -2.39
N SER B 78 -15.68 10.95 -1.54
CA SER B 78 -14.43 11.70 -1.43
C SER B 78 -13.40 10.92 -0.64
N GLY B 79 -13.87 9.96 0.15
CA GLY B 79 -13.00 9.06 0.87
C GLY B 79 -12.28 8.20 -0.15
N LEU B 80 -12.97 7.66 -1.15
CA LEU B 80 -12.33 6.80 -2.14
C LEU B 80 -11.41 7.61 -3.02
N GLU B 81 -11.75 8.87 -3.24
CA GLU B 81 -10.89 9.70 -4.04
C GLU B 81 -9.66 10.14 -3.23
N ALA B 82 -9.76 10.24 -1.91
CA ALA B 82 -8.64 10.56 -1.05
C ALA B 82 -7.68 9.37 -0.93
N LEU B 83 -8.29 8.18 -0.84
CA LEU B 83 -7.58 6.91 -0.85
C LEU B 83 -6.74 6.81 -2.11
N LYS B 84 -7.33 7.11 -3.25
CA LYS B 84 -6.63 7.03 -4.52
C LYS B 84 -5.54 8.07 -4.62
N GLN B 85 -5.98 9.29 -4.50
CA GLN B 85 -5.13 10.41 -4.73
C GLN B 85 -4.04 10.59 -3.68
N THR B 86 -4.29 10.38 -2.41
CA THR B 86 -3.29 10.74 -1.42
C THR B 86 -2.79 9.59 -0.58
N LEU B 87 -3.73 8.83 -0.01
CA LEU B 87 -3.36 7.80 0.92
C LEU B 87 -2.56 6.65 0.33
N SER B 88 -2.95 6.04 -0.79
CA SER B 88 -2.18 5.01 -1.46
C SER B 88 -0.68 5.32 -1.62
N SER B 89 -0.27 6.35 -2.36
CA SER B 89 1.14 6.73 -2.44
C SER B 89 1.81 6.90 -1.08
N GLN B 90 1.18 7.60 -0.17
CA GLN B 90 1.68 7.85 1.15
C GLN B 90 2.06 6.57 1.84
N GLU B 91 1.14 5.62 1.93
CA GLU B 91 1.43 4.39 2.62
C GLU B 91 2.39 3.50 1.84
N VAL B 92 2.36 3.54 0.51
CA VAL B 92 3.33 2.78 -0.28
C VAL B 92 4.75 3.36 -0.10
N THR B 93 4.86 4.65 -0.24
CA THR B 93 6.07 5.36 -0.01
C THR B 93 6.58 5.12 1.41
N ALA B 94 5.74 5.18 2.45
CA ALA B 94 6.22 4.90 3.80
C ALA B 94 6.72 3.47 3.90
N THR B 95 5.90 2.46 3.60
CA THR B 95 6.32 1.07 3.56
C THR B 95 7.64 0.79 2.81
N ALA B 96 7.81 1.31 1.59
CA ALA B 96 9.03 1.13 0.85
C ALA B 96 10.24 1.81 1.44
N THR B 97 10.15 3.07 1.82
CA THR B 97 11.32 3.77 2.33
C THR B 97 11.81 3.14 3.62
N ALA B 98 10.88 2.84 4.53
CA ALA B 98 11.20 2.23 5.79
C ALA B 98 11.78 0.84 5.59
N SER B 99 11.16 -0.01 4.77
CA SER B 99 11.67 -1.36 4.52
C SER B 99 13.07 -1.43 3.83
N TYR B 100 13.31 -0.51 2.89
CA TYR B 100 14.57 -0.43 2.22
C TYR B 100 15.66 -0.06 3.22
N LEU B 101 15.42 0.95 4.05
CA LEU B 101 16.34 1.33 5.10
C LEU B 101 16.51 0.25 6.17
N LYS B 102 15.42 -0.43 6.56
CA LYS B 102 15.53 -1.53 7.49
C LYS B 102 16.46 -2.57 6.89
N GLY B 103 16.37 -2.87 5.58
CA GLY B 103 17.23 -3.82 4.88
C GLY B 103 18.68 -3.40 4.99
N ARG B 104 19.00 -2.15 4.63
CA ARG B 104 20.34 -1.57 4.78
C ARG B 104 20.95 -1.73 6.19
N ILE B 105 20.25 -1.29 7.24
CA ILE B 105 20.67 -1.49 8.62
C ILE B 105 20.91 -2.97 8.90
N ASP B 106 19.95 -3.84 8.60
CA ASP B 106 20.01 -5.23 8.96
C ASP B 106 21.13 -5.99 8.34
N GLU B 107 21.48 -5.63 7.13
CA GLU B 107 22.60 -6.24 6.47
C GLU B 107 23.86 -5.86 7.22
N TYR B 108 24.10 -4.56 7.47
CA TYR B 108 25.26 -4.15 8.24
C TYR B 108 25.27 -4.82 9.62
N LEU B 109 24.17 -4.77 10.34
CA LEU B 109 24.18 -5.33 11.68
C LEU B 109 24.43 -6.82 11.68
N ASN B 110 23.94 -7.55 10.67
CA ASN B 110 24.19 -8.98 10.60
C ASN B 110 25.60 -9.24 10.11
N LEU B 111 26.27 -8.28 9.45
CA LEU B 111 27.66 -8.51 9.11
C LEU B 111 28.45 -8.52 10.39
N LEU B 112 28.26 -7.45 11.18
CA LEU B 112 28.94 -7.27 12.45
C LEU B 112 28.71 -8.43 13.38
N LEU B 113 27.45 -8.83 13.49
CA LEU B 113 27.06 -9.98 14.30
C LEU B 113 27.83 -11.22 13.84
N GLN B 114 28.15 -11.36 12.55
CA GLN B 114 28.83 -12.54 12.11
C GLN B 114 30.36 -12.43 12.10
N THR B 115 30.97 -11.27 11.96
CA THR B 115 32.43 -11.18 11.93
C THR B 115 32.94 -11.26 13.37
N LYS B 116 33.08 -12.47 13.87
CA LYS B 116 33.68 -12.64 15.16
C LYS B 116 34.66 -13.77 15.08
N GLU B 117 35.61 -13.74 15.99
CA GLU B 117 36.68 -14.70 16.06
C GLU B 117 36.49 -15.57 17.28
N SER B 118 36.35 -14.93 18.43
CA SER B 118 36.16 -15.64 19.67
C SER B 118 34.93 -15.06 20.34
N GLY B 119 34.56 -15.64 21.48
CA GLY B 119 33.49 -15.08 22.29
C GLY B 119 33.87 -13.80 23.05
N THR B 120 34.98 -13.17 22.68
CA THR B 120 35.49 -11.99 23.35
C THR B 120 36.16 -11.08 22.35
N SER B 121 36.42 -11.56 21.12
CA SER B 121 36.98 -10.70 20.10
C SER B 121 36.05 -10.85 18.94
N GLY B 122 35.54 -9.70 18.50
CA GLY B 122 34.65 -9.64 17.37
C GLY B 122 34.25 -8.22 17.00
N CYS B 123 33.31 -8.11 16.08
CA CYS B 123 32.78 -6.83 15.69
C CYS B 123 31.58 -6.35 16.51
N MET B 124 30.79 -7.25 17.11
CA MET B 124 29.69 -6.84 17.94
C MET B 124 29.92 -7.23 19.38
N MET B 125 30.10 -6.24 20.23
CA MET B 125 30.40 -6.43 21.63
C MET B 125 29.23 -6.01 22.53
N ASP B 126 29.22 -6.51 23.75
CA ASP B 126 28.23 -6.09 24.74
C ASP B 126 28.52 -4.72 25.25
N THR B 127 27.77 -4.21 26.23
CA THR B 127 28.01 -2.84 26.71
C THR B 127 29.40 -2.72 27.28
N SER B 128 29.74 -3.64 28.18
CA SER B 128 31.06 -3.77 28.76
C SER B 128 32.18 -3.93 27.73
N GLY B 129 31.87 -4.34 26.50
CA GLY B 129 32.88 -4.61 25.53
C GLY B 129 33.73 -5.78 25.98
N THR B 130 33.18 -6.71 26.76
CA THR B 130 33.93 -7.89 27.11
C THR B 130 33.64 -9.09 26.24
N ASN B 131 32.41 -9.28 25.76
CA ASN B 131 32.10 -10.45 24.97
C ASN B 131 31.44 -10.06 23.72
N THR B 132 31.43 -10.97 22.78
CA THR B 132 30.76 -10.76 21.53
C THR B 132 29.30 -11.03 21.80
N VAL B 133 28.37 -10.59 20.98
CA VAL B 133 26.99 -10.94 21.26
C VAL B 133 26.53 -12.06 20.36
N THR B 134 25.46 -12.68 20.82
CA THR B 134 24.83 -13.78 20.14
C THR B 134 23.31 -13.51 20.07
N LYS B 135 22.66 -13.91 18.97
CA LYS B 135 21.22 -13.78 18.85
C LYS B 135 20.61 -14.88 19.69
N ALA B 136 19.59 -14.52 20.42
CA ALA B 136 18.86 -15.42 21.26
C ALA B 136 17.46 -14.89 21.08
N GLY B 137 16.49 -15.71 20.72
CA GLY B 137 15.15 -15.22 20.45
C GLY B 137 15.26 -14.16 19.35
N GLY B 138 14.48 -13.10 19.42
CA GLY B 138 14.62 -12.03 18.49
C GLY B 138 15.43 -10.95 19.16
N THR B 139 16.47 -11.31 19.91
CA THR B 139 17.33 -10.32 20.52
C THR B 139 18.76 -10.64 20.15
N ILE B 140 19.65 -9.66 20.02
CA ILE B 140 21.07 -9.92 19.92
C ILE B 140 21.58 -9.60 21.33
N GLY B 141 21.58 -10.67 22.12
CA GLY B 141 21.97 -10.64 23.51
C GLY B 141 21.02 -9.83 24.39
N GLY B 142 19.72 -10.13 24.43
CA GLY B 142 18.82 -9.39 25.29
C GLY B 142 18.22 -8.21 24.59
N VAL B 143 19.02 -7.49 23.78
CA VAL B 143 18.55 -6.34 23.01
C VAL B 143 17.56 -6.80 21.94
N PRO B 144 16.29 -6.35 21.91
CA PRO B 144 15.33 -6.79 20.87
C PRO B 144 15.79 -6.39 19.44
N CYS B 145 16.20 -7.38 18.65
CA CYS B 145 16.79 -7.16 17.33
C CYS B 145 16.62 -8.43 16.48
N LYS B 146 15.50 -8.52 15.74
CA LYS B 146 15.24 -9.69 14.91
C LYS B 146 16.02 -9.76 13.59
N LEU B 147 16.57 -8.65 13.11
CA LEU B 147 17.26 -8.53 11.85
C LEU B 147 16.56 -9.16 10.64
N GLN B 148 15.25 -9.14 10.77
CA GLN B 148 14.37 -9.51 9.70
C GLN B 148 13.00 -8.96 9.95
N LEU B 149 12.36 -8.69 8.79
CA LEU B 149 11.03 -8.13 8.62
C LEU B 149 9.91 -9.05 9.14
N SER B 150 9.10 -8.61 10.07
CA SER B 150 8.02 -9.43 10.51
C SER B 150 6.84 -9.37 9.55
N PRO B 151 6.10 -10.49 9.53
CA PRO B 151 4.89 -10.72 8.76
C PRO B 151 3.93 -9.60 9.08
N ILE B 152 3.40 -9.07 7.97
CA ILE B 152 2.58 -7.88 8.02
C ILE B 152 1.14 -8.24 8.36
N GLN B 153 0.77 -7.78 9.52
CA GLN B 153 -0.58 -7.79 9.95
C GLN B 153 -0.80 -6.34 10.40
N PRO B 154 -1.99 -5.75 10.26
CA PRO B 154 -2.26 -4.34 10.60
C PRO B 154 -2.08 -3.90 12.03
N LYS B 155 -1.42 -2.73 12.22
CA LYS B 155 -1.26 -2.14 13.54
C LYS B 155 -0.52 -0.84 13.43
N ARG B 156 -0.73 -0.02 14.43
CA ARG B 156 -0.10 1.27 14.44
C ARG B 156 1.35 1.14 14.96
N PRO B 157 2.28 1.72 14.19
CA PRO B 157 3.70 1.75 14.50
C PRO B 157 3.99 2.79 15.59
N ALA B 158 5.01 2.55 16.39
CA ALA B 158 5.43 3.59 17.31
C ALA B 158 6.28 4.62 16.58
N ALA B 159 6.34 5.82 17.14
CA ALA B 159 7.23 6.81 16.58
C ALA B 159 8.34 7.24 17.58
N THR B 160 8.63 6.38 18.57
CA THR B 160 9.70 6.53 19.58
C THR B 160 11.05 6.74 18.93
N TYR B 161 11.38 5.87 18.01
CA TYR B 161 12.71 5.86 17.47
C TYR B 161 12.87 6.72 16.27
N LEU B 162 11.80 6.89 15.52
CA LEU B 162 11.84 7.78 14.40
C LEU B 162 10.67 8.67 14.74
N GLY B 163 11.00 9.92 15.03
CA GLY B 163 9.98 10.87 15.41
C GLY B 163 9.84 11.88 14.29
N LYS B 164 9.17 12.99 14.63
CA LYS B 164 8.90 14.02 13.66
C LYS B 164 10.16 14.80 13.35
N ALA B 165 11.21 14.63 14.16
CA ALA B 165 12.41 15.42 14.03
C ALA B 165 13.56 14.77 13.31
N GLY B 166 13.44 13.44 13.19
CA GLY B 166 14.54 12.58 12.77
C GLY B 166 14.64 11.38 13.70
N TYR B 167 15.85 10.83 13.84
CA TYR B 167 16.15 9.60 14.55
C TYR B 167 16.69 9.96 15.90
N VAL B 168 15.92 9.82 16.97
CA VAL B 168 16.35 10.40 18.26
C VAL B 168 17.59 9.78 18.92
N GLY B 169 17.75 8.48 18.75
CA GLY B 169 18.92 7.79 19.29
C GLY B 169 20.17 8.11 18.47
N LEU B 170 20.06 8.71 17.28
CA LEU B 170 21.22 8.96 16.43
C LEU B 170 21.58 10.41 16.49
N THR B 171 21.99 10.68 17.71
CA THR B 171 22.49 11.97 18.09
C THR B 171 23.94 12.05 17.69
N ARG B 172 24.63 13.09 18.06
CA ARG B 172 26.01 13.32 17.67
C ARG B 172 26.88 12.49 18.55
N GLN B 173 28.02 11.96 18.10
CA GLN B 173 28.90 11.27 19.03
C GLN B 173 30.15 12.11 19.19
N ALA B 174 30.41 12.36 20.46
CA ALA B 174 31.54 13.15 20.90
C ALA B 174 32.81 12.28 20.93
N ASP B 175 32.72 11.05 21.48
CA ASP B 175 33.87 10.18 21.66
C ASP B 175 33.61 8.74 21.21
N ALA B 176 33.62 8.58 19.88
CA ALA B 176 33.42 7.28 19.25
C ALA B 176 34.51 6.25 19.58
N ALA B 177 35.75 6.77 19.71
CA ALA B 177 36.94 6.00 20.06
C ALA B 177 36.81 5.19 21.34
N ASN B 178 35.95 5.72 22.21
CA ASN B 178 35.75 5.19 23.53
C ASN B 178 34.39 4.65 23.81
N ASN B 179 33.37 5.31 23.27
CA ASN B 179 32.00 4.91 23.60
C ASN B 179 31.46 3.88 22.66
N PHE B 180 31.99 3.90 21.44
CA PHE B 180 31.63 2.92 20.43
C PHE B 180 32.63 1.78 20.41
N HIS B 181 33.91 2.13 20.22
CA HIS B 181 34.93 1.13 20.06
C HIS B 181 35.48 0.54 21.34
N ASP B 182 35.65 -0.79 21.34
CA ASP B 182 36.22 -1.47 22.48
C ASP B 182 37.68 -1.07 22.66
N ASN B 183 38.29 -1.50 23.74
CA ASN B 183 39.71 -1.31 23.95
C ASN B 183 40.49 -2.33 23.11
N ASP B 184 40.12 -3.62 23.08
CA ASP B 184 40.94 -4.61 22.42
C ASP B 184 40.28 -5.64 21.48
N ALA B 185 38.95 -5.77 21.44
CA ALA B 185 38.30 -6.79 20.62
C ALA B 185 38.53 -6.44 19.18
N GLU B 186 38.99 -7.40 18.37
CA GLU B 186 39.40 -7.11 17.00
C GLU B 186 38.28 -7.13 15.98
N CYS B 187 38.24 -6.14 15.11
CA CYS B 187 37.25 -6.12 14.07
C CYS B 187 37.90 -5.53 12.83
N ARG B 188 37.90 -6.23 11.67
CA ARG B 188 38.52 -5.65 10.46
C ARG B 188 37.58 -4.67 9.78
N LEU B 189 36.29 -4.84 10.08
CA LEU B 189 35.22 -3.96 9.63
C LEU B 189 35.26 -2.62 10.32
N ALA B 190 36.06 -2.49 11.37
CA ALA B 190 36.22 -1.25 12.11
C ALA B 190 37.12 -0.23 11.44
N SER B 191 37.97 -0.56 10.44
CA SER B 191 38.71 0.50 9.70
C SER B 191 39.04 0.09 8.30
N GLY B 192 39.60 1.00 7.52
CA GLY B 192 39.96 0.69 6.15
C GLY B 192 41.48 0.51 5.97
N HIS B 193 42.19 0.44 7.09
CA HIS B 193 43.63 0.30 7.08
C HIS B 193 43.98 -1.17 6.99
N ASN B 194 45.09 -1.48 6.33
CA ASN B 194 45.55 -2.84 6.15
C ASN B 194 46.04 -3.62 7.36
N THR B 195 46.16 -2.99 8.52
CA THR B 195 46.71 -3.68 9.67
C THR B 195 45.69 -4.40 10.52
N ASN B 196 44.56 -3.75 10.85
CA ASN B 196 43.57 -4.30 11.76
C ASN B 196 42.20 -4.01 11.17
N GLY B 197 42.21 -3.56 9.89
CA GLY B 197 41.00 -3.19 9.20
C GLY B 197 40.93 -3.91 7.87
N LEU B 198 40.05 -3.46 6.99
CA LEU B 198 39.75 -4.06 5.70
C LEU B 198 40.79 -4.01 4.60
N GLY B 199 41.87 -3.25 4.76
CA GLY B 199 42.85 -3.21 3.70
C GLY B 199 43.65 -4.50 3.74
N LYS B 200 44.06 -5.02 2.59
CA LYS B 200 44.92 -6.22 2.57
C LYS B 200 46.37 -5.79 2.44
N SER B 201 46.87 -5.51 1.25
CA SER B 201 48.25 -5.10 1.20
C SER B 201 48.39 -3.63 1.53
N GLY B 202 47.30 -2.90 1.51
CA GLY B 202 47.34 -1.48 1.78
C GLY B 202 46.04 -1.05 2.38
N GLN B 203 45.99 0.20 2.78
CA GLN B 203 44.76 0.79 3.21
C GLN B 203 43.87 0.85 1.97
N LEU B 204 42.57 1.02 2.12
CA LEU B 204 41.74 1.04 0.95
C LEU B 204 41.85 2.41 0.31
N SER B 205 41.19 2.61 -0.82
CA SER B 205 41.33 3.85 -1.59
C SER B 205 40.73 5.08 -0.95
N ALA B 206 39.81 4.87 0.00
CA ALA B 206 39.13 5.98 0.60
C ALA B 206 38.27 5.45 1.73
N ALA B 207 37.55 6.37 2.37
CA ALA B 207 36.65 5.98 3.41
C ALA B 207 35.43 5.27 2.83
N VAL B 208 35.04 4.29 3.58
CA VAL B 208 33.91 3.46 3.28
C VAL B 208 32.78 3.96 4.17
N THR B 209 31.54 4.16 3.72
CA THR B 209 30.46 4.48 4.63
C THR B 209 29.54 3.28 4.65
N MET B 210 28.97 2.93 5.80
CA MET B 210 28.12 1.78 5.97
C MET B 210 26.79 2.16 6.59
N ALA B 211 25.84 1.20 6.67
CA ALA B 211 24.47 1.40 7.15
C ALA B 211 23.79 2.61 6.51
N ALA B 212 23.62 2.57 5.18
CA ALA B 212 23.06 3.65 4.37
C ALA B 212 23.63 5.06 4.65
N GLY B 213 24.96 5.11 4.75
CA GLY B 213 25.71 6.35 4.94
C GLY B 213 25.64 6.83 6.38
N TYR B 214 25.48 5.89 7.32
CA TYR B 214 25.46 6.26 8.71
C TYR B 214 26.87 6.40 9.27
N VAL B 215 27.59 5.29 9.26
CA VAL B 215 28.90 5.21 9.84
C VAL B 215 29.97 5.33 8.73
N THR B 216 31.01 6.13 8.92
CA THR B 216 32.11 6.22 7.97
C THR B 216 33.29 5.55 8.60
N VAL B 217 33.97 4.76 7.80
CA VAL B 217 35.08 3.92 8.19
C VAL B 217 36.28 4.44 7.37
N ALA B 218 37.34 5.01 7.98
CA ALA B 218 38.42 5.59 7.17
C ALA B 218 39.52 4.60 6.92
N ASN B 219 40.27 4.79 5.84
CA ASN B 219 41.37 3.93 5.51
C ASN B 219 42.53 4.16 6.46
N SER B 220 42.45 5.23 7.29
CA SER B 220 43.43 5.56 8.31
C SER B 220 43.16 4.77 9.56
N GLN B 221 44.13 4.80 10.46
CA GLN B 221 44.00 4.12 11.75
C GLN B 221 43.27 5.08 12.69
N THR B 222 41.95 5.16 12.53
CA THR B 222 41.15 6.10 13.27
C THR B 222 39.86 5.39 13.62
N ALA B 223 39.07 6.08 14.43
CA ALA B 223 37.76 5.59 14.81
C ALA B 223 36.65 6.11 13.87
N VAL B 224 35.50 5.47 14.07
CA VAL B 224 34.36 5.69 13.19
C VAL B 224 33.76 7.06 13.45
N THR B 225 33.15 7.57 12.40
CA THR B 225 32.38 8.79 12.39
C THR B 225 30.96 8.38 12.15
N VAL B 226 29.98 8.87 12.92
CA VAL B 226 28.59 8.56 12.64
C VAL B 226 27.85 9.87 12.47
N GLN B 227 26.93 9.92 11.51
CA GLN B 227 26.05 11.09 11.29
C GLN B 227 25.02 11.33 12.39
N ALA B 228 24.81 12.57 12.78
CA ALA B 228 23.74 12.85 13.72
C ALA B 228 22.44 12.92 12.89
N LEU B 229 21.55 11.97 13.05
CA LEU B 229 20.32 11.88 12.25
C LEU B 229 19.08 12.32 13.04
N ASP B 230 19.31 12.86 14.22
CA ASP B 230 18.26 13.21 15.15
C ASP B 230 17.49 14.53 14.86
N ALA B 231 18.09 15.43 14.08
CA ALA B 231 17.52 16.73 13.75
C ALA B 231 17.58 16.97 12.23
N LEU B 232 16.85 16.16 11.45
CA LEU B 232 16.94 16.19 10.01
C LEU B 232 16.21 17.35 9.35
N GLN B 233 16.69 17.70 8.16
CA GLN B 233 16.10 18.68 7.27
C GLN B 233 16.01 17.95 5.93
N GLU B 234 14.97 18.18 5.13
CA GLU B 234 14.90 17.42 3.91
C GLU B 234 15.97 17.86 2.92
N ALA B 235 16.58 16.89 2.24
CA ALA B 235 17.66 17.15 1.34
C ALA B 235 17.64 16.15 0.17
N SER B 236 18.43 16.44 -0.83
CA SER B 236 18.60 15.53 -1.93
C SER B 236 20.09 15.24 -2.05
N GLY B 237 20.46 14.12 -2.66
CA GLY B 237 21.87 13.85 -2.88
C GLY B 237 22.67 13.64 -1.60
N ALA B 238 22.02 13.56 -0.45
CA ALA B 238 22.69 13.37 0.80
C ALA B 238 23.21 11.93 0.96
N ALA B 239 24.49 11.77 1.35
CA ALA B 239 25.07 10.47 1.66
C ALA B 239 24.24 9.47 2.47
N HIS B 240 23.26 9.94 3.21
CA HIS B 240 22.46 9.10 4.11
C HIS B 240 21.00 9.33 3.77
N GLN B 241 20.78 9.62 2.48
CA GLN B 241 19.48 9.88 1.95
C GLN B 241 18.47 8.86 2.40
N PRO B 242 18.68 7.53 2.40
CA PRO B 242 17.72 6.56 2.87
C PRO B 242 17.07 6.99 4.19
N TRP B 243 17.90 7.44 5.13
CA TRP B 243 17.43 7.92 6.44
C TRP B 243 16.48 9.14 6.30
N ILE B 244 16.89 10.08 5.45
CA ILE B 244 16.08 11.27 5.20
C ILE B 244 14.73 10.87 4.66
N ASP B 245 14.74 9.99 3.66
CA ASP B 245 13.57 9.51 2.95
C ASP B 245 12.55 8.75 3.77
N ALA B 246 13.00 7.84 4.62
CA ALA B 246 12.11 7.10 5.49
C ALA B 246 11.48 8.04 6.48
N TRP B 247 12.26 9.00 7.01
CA TRP B 247 11.76 10.09 7.90
C TRP B 247 10.67 10.92 7.18
N LYS B 248 11.03 11.58 6.09
CA LYS B 248 10.11 12.39 5.31
C LYS B 248 8.78 11.69 4.98
N ALA B 249 8.86 10.43 4.56
CA ALA B 249 7.71 9.62 4.24
C ALA B 249 6.85 9.37 5.45
N LYS B 250 7.45 8.88 6.53
CA LYS B 250 6.70 8.63 7.77
C LYS B 250 6.06 9.94 8.31
N LYS B 251 6.77 11.05 8.10
CA LYS B 251 6.38 12.30 8.62
C LYS B 251 5.18 12.81 7.84
N ALA B 252 5.09 12.53 6.55
CA ALA B 252 3.97 12.96 5.73
C ALA B 252 2.66 12.19 5.99
N LEU B 253 2.61 11.19 6.86
CA LEU B 253 1.41 10.40 6.88
C LEU B 253 0.27 11.06 7.63
N THR B 254 -0.96 10.98 7.10
CA THR B 254 -2.11 11.53 7.82
C THR B 254 -2.94 10.44 8.42
N GLY B 255 -2.98 9.29 7.74
CA GLY B 255 -3.84 8.21 8.21
C GLY B 255 -5.26 8.41 7.67
N ALA B 256 -6.20 7.50 7.91
CA ALA B 256 -7.56 7.66 7.38
C ALA B 256 -8.36 8.55 8.31
N GLU B 257 -7.70 9.62 8.70
CA GLU B 257 -8.18 10.49 9.72
C GLU B 257 -8.50 11.85 9.18
N THR B 258 -8.30 12.09 7.89
CA THR B 258 -8.62 13.38 7.36
C THR B 258 -10.11 13.59 7.30
N ALA B 259 -10.49 14.84 7.05
CA ALA B 259 -11.85 15.31 6.88
C ALA B 259 -12.83 14.33 6.31
N GLU B 260 -12.45 13.73 5.18
CA GLU B 260 -13.30 12.84 4.41
C GLU B 260 -13.72 11.59 5.16
N PHE B 261 -12.91 11.17 6.12
CA PHE B 261 -13.20 9.98 6.85
C PHE B 261 -13.78 10.29 8.21
N ARG B 262 -13.95 11.59 8.49
CA ARG B 262 -14.51 12.04 9.74
C ARG B 262 -15.89 12.58 9.47
N ASN B 263 -16.77 12.32 10.42
CA ASN B 263 -18.12 12.84 10.33
C ASN B 263 -18.12 14.30 10.77
N GLU B 264 -19.13 15.05 10.33
CA GLU B 264 -19.22 16.47 10.64
C GLU B 264 -20.36 16.63 11.59
N THR B 265 -20.12 17.26 12.71
CA THR B 265 -21.20 17.44 13.68
C THR B 265 -21.66 18.89 13.83
N ALA B 266 -21.38 19.72 12.81
CA ALA B 266 -21.74 21.12 12.79
C ALA B 266 -23.24 21.30 12.46
N GLY B 267 -23.67 22.49 12.06
CA GLY B 267 -25.06 22.75 11.75
C GLY B 267 -25.36 22.19 10.38
N ILE B 268 -26.63 21.90 10.18
CA ILE B 268 -27.09 21.25 8.95
C ILE B 268 -26.69 22.01 7.70
N ALA B 269 -26.85 23.32 7.63
CA ALA B 269 -26.49 24.07 6.42
C ALA B 269 -25.01 24.03 6.07
N GLY B 270 -24.18 23.60 7.04
CA GLY B 270 -22.74 23.60 6.86
C GLY B 270 -22.22 22.22 6.41
N LYS B 271 -23.02 21.17 6.67
CA LYS B 271 -22.63 19.84 6.29
C LYS B 271 -22.32 19.68 4.81
N THR B 272 -21.40 18.77 4.48
CA THR B 272 -21.03 18.49 3.09
C THR B 272 -22.24 18.16 2.23
N GLY B 273 -22.59 19.08 1.33
CA GLY B 273 -23.70 18.83 0.41
C GLY B 273 -24.92 19.73 0.58
N VAL B 274 -25.42 19.88 1.81
CA VAL B 274 -26.65 20.59 2.15
C VAL B 274 -26.84 21.94 1.45
N THR B 275 -26.09 23.01 1.73
CA THR B 275 -26.42 24.30 1.09
C THR B 275 -26.44 24.21 -0.44
N LYS B 276 -25.48 23.53 -1.03
CA LYS B 276 -25.40 23.46 -2.47
C LYS B 276 -26.60 22.66 -3.06
N LEU B 277 -27.12 21.66 -2.34
CA LEU B 277 -28.26 20.88 -2.80
C LEU B 277 -29.52 21.70 -2.64
N VAL B 278 -29.61 22.43 -1.52
CA VAL B 278 -30.75 23.27 -1.30
C VAL B 278 -30.78 24.34 -2.37
N GLU B 279 -29.69 24.99 -2.76
CA GLU B 279 -29.73 25.97 -3.83
C GLU B 279 -30.10 25.41 -5.18
N GLU B 280 -29.57 24.22 -5.50
CA GLU B 280 -29.76 23.62 -6.80
C GLU B 280 -31.11 22.94 -7.04
N ALA B 281 -31.54 22.11 -6.08
CA ALA B 281 -32.77 21.38 -6.19
C ALA B 281 -33.89 22.14 -5.56
N LEU B 282 -33.91 22.33 -4.25
CA LEU B 282 -35.06 22.94 -3.59
C LEU B 282 -35.29 24.39 -3.96
N LEU B 283 -34.23 25.17 -3.94
CA LEU B 283 -34.37 26.59 -4.13
C LEU B 283 -34.36 26.93 -5.59
N LYS B 284 -33.65 26.14 -6.40
CA LYS B 284 -33.54 26.37 -7.83
C LYS B 284 -33.04 27.78 -8.09
N LYS B 285 -32.26 28.33 -7.16
CA LYS B 285 -31.67 29.64 -7.31
C LYS B 285 -30.28 29.52 -6.74
N LYS B 286 -29.27 29.89 -7.51
CA LYS B 286 -27.88 29.75 -7.06
C LYS B 286 -27.36 30.97 -6.33
N ASP B 287 -26.52 30.71 -5.33
CA ASP B 287 -25.90 31.73 -4.50
C ASP B 287 -27.00 32.57 -3.84
N SER B 288 -27.44 32.00 -2.75
CA SER B 288 -28.57 32.48 -1.98
C SER B 288 -28.12 32.89 -0.57
N GLU B 289 -29.04 33.41 0.24
CA GLU B 289 -28.66 33.85 1.57
C GLU B 289 -28.82 32.73 2.59
N ALA B 290 -27.89 32.66 3.54
CA ALA B 290 -27.83 31.58 4.54
C ALA B 290 -29.11 31.34 5.31
N SER B 291 -29.92 32.41 5.41
CA SER B 291 -31.23 32.41 6.05
C SER B 291 -32.20 31.60 5.21
N GLU B 292 -32.22 31.81 3.90
CA GLU B 292 -33.18 31.12 3.09
C GLU B 292 -32.81 29.64 2.92
N ILE B 293 -31.53 29.32 3.14
CA ILE B 293 -31.09 27.94 3.29
C ILE B 293 -31.66 27.45 4.64
N GLN B 294 -31.45 28.21 5.73
CA GLN B 294 -31.95 27.94 7.09
C GLN B 294 -33.45 27.68 7.13
N THR B 295 -34.16 28.35 6.25
CA THR B 295 -35.61 28.28 6.16
C THR B 295 -36.11 26.98 5.57
N GLU B 296 -35.59 26.64 4.40
CA GLU B 296 -35.87 25.40 3.73
C GLU B 296 -35.56 24.23 4.67
N LEU B 297 -34.42 24.30 5.37
CA LEU B 297 -34.01 23.25 6.27
C LEU B 297 -34.99 23.09 7.39
N LYS B 298 -35.59 24.17 7.89
CA LYS B 298 -36.57 24.06 8.96
C LYS B 298 -37.79 23.27 8.52
N LYS B 299 -38.11 23.32 7.22
CA LYS B 299 -39.24 22.59 6.66
C LYS B 299 -39.03 21.10 6.73
N TYR B 300 -37.78 20.65 6.65
CA TYR B 300 -37.54 19.22 6.59
C TYR B 300 -37.02 18.64 7.88
N PHE B 301 -36.08 19.39 8.45
CA PHE B 301 -35.39 19.01 9.67
C PHE B 301 -36.08 19.47 10.97
N SER B 302 -36.90 20.55 10.85
CA SER B 302 -37.52 21.31 11.93
C SER B 302 -36.49 22.21 12.59
N GLY B 303 -35.54 22.67 11.82
CA GLY B 303 -34.49 23.52 12.35
C GLY B 303 -33.27 23.38 11.47
N HIS B 304 -32.10 23.74 12.01
CA HIS B 304 -30.91 23.76 11.18
C HIS B 304 -29.65 23.53 11.97
N GLU B 305 -29.77 23.00 13.18
CA GLU B 305 -28.59 22.69 13.96
C GLU B 305 -28.50 21.17 14.13
N ASN B 306 -27.30 20.67 14.39
CA ASN B 306 -26.95 19.26 14.47
C ASN B 306 -27.96 18.34 15.17
N GLU B 307 -28.67 18.80 16.20
CA GLU B 307 -29.64 18.00 16.92
C GLU B 307 -30.85 17.57 16.08
N GLN B 308 -31.18 18.34 15.03
CA GLN B 308 -32.25 17.94 14.12
C GLN B 308 -31.68 16.98 13.06
N TRP B 309 -30.40 17.11 12.69
CA TRP B 309 -29.80 16.16 11.76
C TRP B 309 -29.83 14.78 12.40
N THR B 310 -29.53 14.69 13.68
CA THR B 310 -29.56 13.44 14.38
C THR B 310 -30.97 12.88 14.53
N ALA B 311 -31.93 13.75 14.76
CA ALA B 311 -33.26 13.25 14.95
C ALA B 311 -33.76 12.53 13.68
N ILE B 312 -33.44 13.08 12.51
CA ILE B 312 -33.77 12.46 11.25
C ILE B 312 -33.04 11.13 11.20
N GLU B 313 -31.76 11.17 11.52
CA GLU B 313 -30.94 9.98 11.55
C GLU B 313 -31.50 8.91 12.45
N LYS B 314 -32.28 9.30 13.46
CA LYS B 314 -32.88 8.38 14.42
C LYS B 314 -34.06 7.67 13.82
N LEU B 315 -34.76 8.44 12.99
CA LEU B 315 -35.92 7.96 12.30
C LEU B 315 -35.44 6.96 11.28
N ILE B 316 -34.46 7.37 10.47
CA ILE B 316 -33.78 6.50 9.52
C ILE B 316 -33.38 5.21 10.21
N SER B 317 -32.66 5.24 11.32
CA SER B 317 -32.26 4.02 12.01
C SER B 317 -33.39 3.16 12.53
N GLU B 318 -34.44 3.77 13.10
CA GLU B 318 -35.58 3.01 13.63
C GLU B 318 -36.46 2.37 12.57
N GLN B 319 -36.43 2.96 11.38
CA GLN B 319 -37.11 2.47 10.19
C GLN B 319 -36.79 1.03 9.82
N PRO B 320 -37.80 0.16 9.78
CA PRO B 320 -37.65 -1.25 9.46
C PRO B 320 -37.98 -1.61 8.01
N VAL B 321 -37.19 -2.50 7.43
CA VAL B 321 -37.43 -3.00 6.10
C VAL B 321 -38.27 -4.28 6.24
N ALA B 322 -38.77 -4.79 5.11
CA ALA B 322 -39.63 -5.98 5.08
C ALA B 322 -38.93 -7.19 5.62
N GLN B 323 -39.59 -8.09 6.35
CA GLN B 323 -38.94 -9.33 6.72
C GLN B 323 -38.58 -10.09 5.45
N ASN B 324 -39.42 -10.01 4.37
CA ASN B 324 -39.11 -10.69 3.09
C ASN B 324 -37.74 -10.31 2.58
N LEU B 325 -37.19 -9.18 3.01
CA LEU B 325 -35.90 -8.72 2.62
C LEU B 325 -34.77 -9.23 3.48
N VAL B 326 -34.92 -9.30 4.81
CA VAL B 326 -33.82 -9.82 5.61
C VAL B 326 -34.15 -10.97 6.51
N GLY B 327 -34.18 -12.11 5.86
CA GLY B 327 -34.16 -13.39 6.55
C GLY B 327 -35.32 -13.76 7.43
N ASP B 328 -34.98 -14.59 8.41
CA ASP B 328 -35.93 -15.15 9.35
C ASP B 328 -36.20 -14.11 10.43
N ASN B 329 -36.34 -14.55 11.67
CA ASN B 329 -36.31 -13.74 12.88
C ASN B 329 -35.01 -12.91 12.92
N GLN B 330 -34.76 -12.03 11.94
CA GLN B 330 -33.52 -11.33 11.75
C GLN B 330 -33.77 -9.87 12.01
N PRO B 331 -32.73 -9.06 12.28
CA PRO B 331 -32.88 -7.60 12.51
C PRO B 331 -33.46 -6.82 11.31
N THR B 332 -34.65 -6.23 11.41
CA THR B 332 -35.18 -5.57 10.24
C THR B 332 -34.96 -4.09 10.19
N LYS B 333 -34.56 -3.47 11.29
CA LYS B 333 -34.39 -2.03 11.37
C LYS B 333 -33.13 -1.62 10.69
N LEU B 334 -33.13 -0.50 9.97
CA LEU B 334 -31.97 -0.07 9.20
C LEU B 334 -30.73 0.22 10.04
N GLY B 335 -30.92 0.79 11.25
CA GLY B 335 -29.82 1.05 12.16
C GLY B 335 -29.15 -0.26 12.55
N GLU B 336 -29.86 -1.36 12.42
CA GLU B 336 -29.31 -2.62 12.78
C GLU B 336 -28.86 -3.45 11.58
N LEU B 337 -28.65 -2.83 10.40
CA LEU B 337 -28.26 -3.58 9.22
C LEU B 337 -27.02 -2.91 8.68
N GLU B 338 -25.91 -3.64 8.51
CA GLU B 338 -24.73 -2.99 7.99
C GLU B 338 -24.28 -3.83 6.83
N GLY B 339 -23.47 -3.21 5.98
CA GLY B 339 -22.84 -3.87 4.84
C GLY B 339 -23.35 -3.33 3.52
N ASN B 340 -22.54 -2.58 2.82
CA ASN B 340 -22.88 -1.96 1.56
C ASN B 340 -23.61 -2.87 0.61
N ALA B 341 -23.15 -4.07 0.39
CA ALA B 341 -23.79 -5.04 -0.51
C ALA B 341 -25.22 -5.40 -0.10
N LYS B 342 -25.39 -5.62 1.21
CA LYS B 342 -26.68 -5.92 1.79
C LYS B 342 -27.66 -4.75 1.58
N LEU B 343 -27.22 -3.55 1.96
CA LEU B 343 -28.05 -2.37 1.92
C LEU B 343 -28.27 -1.96 0.48
N THR B 344 -27.34 -2.18 -0.43
CA THR B 344 -27.54 -1.82 -1.84
C THR B 344 -28.71 -2.50 -2.55
N THR B 345 -29.04 -3.65 -2.04
CA THR B 345 -30.11 -4.50 -2.57
C THR B 345 -31.44 -4.16 -1.91
N ILE B 346 -31.41 -3.84 -0.62
CA ILE B 346 -32.62 -3.39 0.07
C ILE B 346 -33.04 -2.10 -0.67
N LEU B 347 -32.11 -1.22 -0.95
CA LEU B 347 -32.39 -0.06 -1.72
C LEU B 347 -32.97 -0.41 -3.07
N ALA B 348 -32.51 -1.42 -3.81
CA ALA B 348 -33.04 -1.73 -5.13
C ALA B 348 -34.41 -2.36 -5.07
N TYR B 349 -34.75 -3.03 -3.97
CA TYR B 349 -36.09 -3.53 -3.76
C TYR B 349 -37.06 -2.34 -3.66
N TYR B 350 -36.72 -1.31 -2.89
CA TYR B 350 -37.57 -0.15 -2.73
C TYR B 350 -37.54 0.79 -3.94
N ARG B 351 -36.45 0.85 -4.66
CA ARG B 351 -36.41 1.62 -5.88
C ARG B 351 -37.34 1.00 -6.91
N MET B 352 -37.48 -0.33 -6.82
CA MET B 352 -38.37 -1.08 -7.68
C MET B 352 -39.83 -0.80 -7.25
N GLU B 353 -40.10 -0.81 -5.94
CA GLU B 353 -41.43 -0.51 -5.39
C GLU B 353 -41.89 0.89 -5.84
N THR B 354 -41.00 1.90 -5.70
CA THR B 354 -41.27 3.26 -6.15
C THR B 354 -41.61 3.32 -7.63
N ALA B 355 -41.07 2.45 -8.48
CA ALA B 355 -41.40 2.45 -9.91
C ALA B 355 -42.86 2.04 -10.13
N GLY B 356 -43.31 1.11 -9.25
CA GLY B 356 -44.60 0.46 -9.30
C GLY B 356 -45.71 1.45 -9.12
N LYS B 357 -45.54 2.25 -8.07
CA LYS B 357 -46.38 3.41 -7.80
C LYS B 357 -46.50 4.29 -9.03
N PHE B 358 -45.37 4.89 -9.45
CA PHE B 358 -45.39 5.89 -10.48
C PHE B 358 -45.93 5.42 -11.77
N GLU B 359 -46.08 4.12 -11.99
CA GLU B 359 -46.72 3.64 -13.18
C GLU B 359 -48.23 3.63 -12.99
N VAL B 360 -48.75 3.49 -11.77
CA VAL B 360 -50.20 3.63 -11.53
C VAL B 360 -50.57 5.08 -11.26
N LEU B 361 -49.58 5.81 -10.78
CA LEU B 361 -49.74 7.18 -10.36
C LEU B 361 -49.74 8.13 -11.51
N THR B 362 -48.96 7.88 -12.53
CA THR B 362 -48.92 8.76 -13.66
C THR B 362 -49.00 7.81 -14.85
C1 NAG C . -18.30 -1.40 -17.17
C2 NAG C . -17.31 -0.24 -17.06
C3 NAG C . -18.09 1.09 -17.10
C4 NAG C . -19.00 1.17 -18.32
C5 NAG C . -19.92 -0.06 -18.36
C6 NAG C . -20.74 -0.07 -19.64
C7 NAG C . -15.26 -0.43 -15.69
C8 NAG C . -14.62 -0.62 -14.33
N2 NAG C . -16.58 -0.37 -15.80
O3 NAG C . -17.21 2.18 -17.11
O4 NAG C . -19.82 2.35 -18.34
O5 NAG C . -19.14 -1.28 -18.32
O6 NAG C . -19.87 -0.02 -20.78
O7 NAG C . -14.55 -0.35 -16.69
C1 NAG C . -19.72 3.21 -19.49
C2 NAG C . -20.88 4.24 -19.59
C3 NAG C . -20.68 5.05 -20.87
C4 NAG C . -19.23 5.62 -20.99
C5 NAG C . -18.10 4.63 -20.53
C6 NAG C . -16.76 5.29 -20.14
C7 NAG C . -22.97 3.48 -18.51
C8 NAG C . -24.26 2.68 -18.57
N2 NAG C . -22.19 3.58 -19.61
O3 NAG C . -21.60 6.11 -20.91
O4 NAG C . -18.98 5.82 -22.40
O5 NAG C . -18.49 3.89 -19.39
O6 NAG C . -15.87 4.27 -19.67
O7 NAG C . -22.71 4.09 -17.47
C1 BMA C . -19.41 7.03 -23.04
C2 BMA C . -18.22 7.98 -23.10
C3 BMA C . -18.59 9.20 -23.99
C4 BMA C . -19.18 8.80 -25.35
C5 BMA C . -20.34 7.81 -25.15
C6 BMA C . -20.92 7.32 -26.52
O2 BMA C . -17.12 7.25 -23.66
O3 BMA C . -17.44 9.97 -24.25
O4 BMA C . -19.63 9.98 -25.98
O5 BMA C . -19.80 6.68 -24.38
O6 BMA C . -20.06 6.37 -27.14
C1 NAG D . -20.91 8.83 10.37
C2 NAG D . -20.46 7.35 10.47
C3 NAG D . -21.64 6.44 10.14
C4 NAG D . -22.86 6.77 11.02
C5 NAG D . -23.22 8.24 10.87
C6 NAG D . -24.32 8.63 11.81
C7 NAG D . -18.15 6.69 9.83
C8 NAG D . -17.08 6.58 8.77
N2 NAG D . -19.37 7.13 9.51
O3 NAG D . -21.28 5.10 10.36
O4 NAG D . -24.01 5.97 10.71
O5 NAG D . -22.09 9.06 11.18
O6 NAG D . -23.93 8.30 13.15
O7 NAG D . -17.88 6.40 10.98
C1 NAG D . -24.60 5.21 11.77
C2 NAG D . -26.02 4.70 11.42
C3 NAG D . -26.55 3.92 12.63
C4 NAG D . -25.53 2.85 13.14
C5 NAG D . -24.06 3.31 13.14
C6 NAG D . -23.01 2.19 13.15
C7 NAG D . -27.23 6.11 9.81
C8 NAG D . -28.05 7.37 9.52
N2 NAG D . -26.91 5.80 11.08
O3 NAG D . -27.77 3.27 12.31
O4 NAG D . -25.84 2.63 14.54
O5 NAG D . -23.75 4.11 11.98
O6 NAG D . -21.69 2.76 13.04
O7 NAG D . -26.96 5.40 8.86
C1 MAN D . -26.88 1.75 14.94
C2 MAN D . -26.21 0.41 15.31
C3 MAN D . -27.27 -0.53 15.94
C4 MAN D . -28.07 0.12 17.07
C5 MAN D . -28.64 1.46 16.58
C6 MAN D . -29.41 2.20 17.73
O2 MAN D . -25.15 0.68 16.23
O3 MAN D . -26.63 -1.66 16.50
O4 MAN D . -29.11 -0.76 17.45
O5 MAN D . -27.52 2.28 16.11
O6 MAN D . -28.50 2.78 18.66
#